data_5I2H
#
_entry.id   5I2H
#
_cell.length_a   66.516
_cell.length_b   83.192
_cell.length_c   119.099
_cell.angle_alpha   90.000
_cell.angle_beta   90.000
_cell.angle_gamma   90.000
#
_symmetry.space_group_name_H-M   'P 21 21 21'
#
loop_
_entity.id
_entity.type
_entity.pdbx_description
1 polymer 'O-methyltransferase family 2'
2 non-polymer 5,7-dihydroxy-2-(4-hydroxyphenyl)-4H-chromen-4-one
3 non-polymer 1,2-ETHANEDIOL
4 non-polymer 'FORMIC ACID'
5 water water
#
_entity_poly.entity_id   1
_entity_poly.type   'polypeptide(L)'
_entity_poly.pdbx_seq_one_letter_code
;SNA(MSE)AVKDALRFPPTDVTPIFDLFRGNFATELLAASVAHLHVFDILNESPLSLDELQRRLVLSERATQVLVTGLCA
(MSE)QLLTKRLAGEIDLTPLARNHLVTTSPFSVGGYISLAAQSAGTLALVERLKSDRPEGAESEQGAAFIFREGSESA
(MSE)DREDSARFLTLSLAGRAWNVAPRFADVLPAGQPGKILKDNSGSSGRVLLDVAGGSGIYT(MSE)AVLQKYPTWRG
IIFDRPEVLKIAAELAEQTGVRDRLELHAGD(MSE)WVDPFPPADDILLSNVLHDWDRPQCARLVAKATSGLPEGGRLLI
HDVLLNSDLTGPLEIALYSLALFSLTEGRAYSLEEYRGWIAGADLKYVDCIPTSAHGHLILSEKV
;
_entity_poly.pdbx_strand_id   A,B
#
# COMPACT_ATOMS: atom_id res chain seq x y z
N ALA A 5 6.84 22.87 -34.14
CA ALA A 5 7.16 22.45 -32.78
C ALA A 5 7.32 20.94 -32.70
N VAL A 6 8.32 20.48 -31.95
CA VAL A 6 8.57 19.04 -31.85
C VAL A 6 8.66 18.68 -30.38
N LYS A 7 7.76 17.79 -29.94
CA LYS A 7 7.79 17.24 -28.59
C LYS A 7 9.01 16.36 -28.41
N ASP A 8 9.79 16.64 -27.36
CA ASP A 8 11.06 15.94 -27.10
C ASP A 8 10.78 14.64 -26.35
N ALA A 9 11.00 13.49 -27.00
CA ALA A 9 10.78 12.20 -26.35
C ALA A 9 12.07 11.60 -25.79
N LEU A 10 13.19 12.34 -25.87
CA LEU A 10 14.48 11.82 -25.39
C LEU A 10 14.94 12.43 -24.08
N ARG A 11 14.40 13.60 -23.71
N ARG A 11 14.42 13.60 -23.71
CA ARG A 11 14.74 14.23 -22.43
CA ARG A 11 14.86 14.21 -22.45
C ARG A 11 14.39 13.30 -21.28
C ARG A 11 14.42 13.34 -21.29
N PHE A 12 15.35 13.08 -20.37
CA PHE A 12 15.02 12.26 -19.20
C PHE A 12 14.08 13.04 -18.28
N PRO A 13 13.14 12.38 -17.61
CA PRO A 13 12.29 13.11 -16.67
C PRO A 13 13.11 13.67 -15.53
N PRO A 14 12.71 14.82 -14.99
CA PRO A 14 13.55 15.51 -13.99
C PRO A 14 13.54 14.85 -12.62
N THR A 15 12.54 14.01 -12.33
CA THR A 15 12.49 13.20 -11.13
C THR A 15 12.04 11.82 -11.54
N ASP A 16 12.20 10.87 -10.62
CA ASP A 16 11.87 9.47 -10.86
C ASP A 16 10.48 9.21 -10.28
N VAL A 17 9.51 8.93 -11.15
CA VAL A 17 8.12 8.72 -10.74
C VAL A 17 7.92 7.38 -10.04
N THR A 18 8.91 6.50 -10.08
CA THR A 18 8.71 5.12 -9.61
C THR A 18 8.10 5.01 -8.21
N PRO A 19 8.52 5.77 -7.19
CA PRO A 19 7.88 5.60 -5.87
C PRO A 19 6.39 5.86 -5.86
N ILE A 20 5.89 6.72 -6.75
CA ILE A 20 4.45 6.97 -6.78
C ILE A 20 3.72 5.70 -7.23
N PHE A 21 4.25 5.00 -8.25
CA PHE A 21 3.63 3.74 -8.67
C PHE A 21 3.61 2.74 -7.54
N ASP A 22 4.73 2.69 -6.77
CA ASP A 22 4.82 1.71 -5.70
C ASP A 22 3.79 2.00 -4.62
N LEU A 23 3.65 3.28 -4.27
CA LEU A 23 2.64 3.64 -3.25
C LEU A 23 1.25 3.30 -3.75
N PHE A 24 1.02 3.56 -5.05
CA PHE A 24 -0.30 3.34 -5.63
C PHE A 24 -0.75 1.89 -5.56
N ARG A 25 0.18 0.92 -5.48
CA ARG A 25 -0.23 -0.49 -5.40
C ARG A 25 -0.62 -0.93 -4.00
N GLY A 26 -0.66 -0.02 -3.02
CA GLY A 26 -0.82 -0.44 -1.64
C GLY A 26 -2.08 -1.22 -1.37
N ASN A 27 -3.18 -0.91 -2.08
CA ASN A 27 -4.42 -1.64 -1.83
C ASN A 27 -4.25 -3.14 -1.99
N PHE A 28 -3.38 -3.58 -2.91
CA PHE A 28 -3.23 -5.02 -3.11
C PHE A 28 -2.56 -5.69 -1.94
N ALA A 29 -1.76 -4.96 -1.14
CA ALA A 29 -1.26 -5.52 0.11
C ALA A 29 -2.41 -5.77 1.09
N THR A 30 -3.25 -4.76 1.30
CA THR A 30 -4.40 -4.92 2.19
C THR A 30 -5.28 -6.07 1.73
N GLU A 31 -5.62 -6.08 0.44
CA GLU A 31 -6.54 -7.09 -0.09
C GLU A 31 -5.95 -8.49 -0.01
N LEU A 32 -4.67 -8.66 -0.33
CA LEU A 32 -4.11 -10.01 -0.26
C LEU A 32 -4.04 -10.50 1.19
N LEU A 33 -3.74 -9.59 2.13
CA LEU A 33 -3.75 -9.96 3.55
C LEU A 33 -5.13 -10.40 3.99
N ALA A 34 -6.16 -9.59 3.68
CA ALA A 34 -7.52 -9.93 4.09
C ALA A 34 -8.01 -11.19 3.40
N ALA A 35 -7.74 -11.32 2.09
CA ALA A 35 -8.12 -12.55 1.38
C ALA A 35 -7.46 -13.77 2.01
N SER A 36 -6.18 -13.67 2.35
CA SER A 36 -5.43 -14.84 2.82
C SER A 36 -5.82 -15.22 4.23
N VAL A 37 -6.06 -14.23 5.10
CA VAL A 37 -6.45 -14.54 6.48
C VAL A 37 -7.90 -14.98 6.55
N ALA A 38 -8.81 -14.17 5.98
CA ALA A 38 -10.22 -14.32 6.31
C ALA A 38 -11.00 -15.20 5.35
N HIS A 39 -10.54 -15.36 4.11
CA HIS A 39 -11.28 -16.16 3.13
C HIS A 39 -10.60 -17.47 2.78
N LEU A 40 -9.29 -17.48 2.59
CA LEU A 40 -8.61 -18.64 2.05
C LEU A 40 -7.92 -19.49 3.10
N HIS A 41 -7.81 -19.01 4.33
CA HIS A 41 -7.24 -19.81 5.42
C HIS A 41 -5.78 -20.20 5.16
N VAL A 42 -5.04 -19.38 4.39
CA VAL A 42 -3.68 -19.75 3.96
C VAL A 42 -2.78 -20.09 5.15
N PHE A 43 -2.80 -19.24 6.18
CA PHE A 43 -1.83 -19.37 7.27
C PHE A 43 -2.20 -20.52 8.19
N ASP A 44 -3.49 -20.70 8.45
CA ASP A 44 -3.88 -21.84 9.26
C ASP A 44 -3.56 -23.14 8.54
N ILE A 45 -3.69 -23.17 7.21
CA ILE A 45 -3.36 -24.39 6.47
C ILE A 45 -1.87 -24.67 6.53
N LEU A 46 -1.04 -23.68 6.20
CA LEU A 46 0.38 -23.95 6.13
C LEU A 46 1.01 -24.13 7.50
N ASN A 47 0.37 -23.62 8.55
CA ASN A 47 0.85 -23.86 9.90
C ASN A 47 0.93 -25.33 10.24
N GLU A 48 0.03 -26.13 9.67
CA GLU A 48 0.06 -27.58 9.91
C GLU A 48 1.36 -28.20 9.45
N SER A 49 1.84 -27.77 8.28
CA SER A 49 2.97 -28.41 7.64
C SER A 49 3.32 -27.65 6.35
N PRO A 50 4.60 -27.56 6.00
CA PRO A 50 4.95 -27.01 4.70
C PRO A 50 4.32 -27.84 3.58
N LEU A 51 4.03 -27.19 2.46
CA LEU A 51 3.44 -27.85 1.30
C LEU A 51 4.14 -27.43 0.02
N SER A 52 4.21 -28.35 -0.93
CA SER A 52 4.60 -28.02 -2.28
C SER A 52 3.59 -27.08 -2.92
N LEU A 53 4.03 -26.38 -3.96
CA LEU A 53 3.12 -25.49 -4.68
C LEU A 53 1.93 -26.27 -5.23
N ASP A 54 2.18 -27.47 -5.77
CA ASP A 54 1.08 -28.26 -6.28
C ASP A 54 0.13 -28.67 -5.16
N GLU A 55 0.67 -29.06 -4.01
CA GLU A 55 -0.17 -29.41 -2.86
C GLU A 55 -1.00 -28.22 -2.39
N LEU A 56 -0.39 -27.04 -2.34
CA LEU A 56 -1.14 -25.86 -1.89
C LEU A 56 -2.23 -25.48 -2.88
N GLN A 57 -1.92 -25.49 -4.18
CA GLN A 57 -2.94 -25.29 -5.20
C GLN A 57 -4.16 -26.15 -4.90
N ARG A 58 -3.92 -27.45 -4.69
CA ARG A 58 -5.01 -28.37 -4.43
C ARG A 58 -5.74 -28.01 -3.15
N ARG A 59 -5.01 -27.77 -2.06
N ARG A 59 -5.01 -27.73 -2.07
CA ARG A 59 -5.66 -27.46 -0.79
CA ARG A 59 -5.67 -27.48 -0.79
C ARG A 59 -6.50 -26.19 -0.88
C ARG A 59 -6.43 -26.15 -0.78
N LEU A 60 -5.97 -25.17 -1.55
CA LEU A 60 -6.69 -23.91 -1.67
C LEU A 60 -7.73 -23.93 -2.78
N VAL A 61 -7.72 -24.98 -3.60
CA VAL A 61 -8.56 -25.13 -4.81
C VAL A 61 -8.43 -23.89 -5.68
N LEU A 62 -7.22 -23.63 -6.16
CA LEU A 62 -6.90 -22.47 -6.98
C LEU A 62 -6.12 -22.92 -8.20
N SER A 63 -6.21 -22.12 -9.27
CA SER A 63 -5.39 -22.35 -10.45
C SER A 63 -3.92 -22.18 -10.10
N GLU A 64 -3.06 -22.68 -11.00
CA GLU A 64 -1.63 -22.45 -10.88
C GLU A 64 -1.32 -20.96 -10.84
N ARG A 65 -1.96 -20.19 -11.72
CA ARG A 65 -1.67 -18.76 -11.75
C ARG A 65 -2.10 -18.09 -10.46
N ALA A 66 -3.33 -18.38 -10.00
CA ALA A 66 -3.81 -17.76 -8.78
C ALA A 66 -2.92 -18.14 -7.59
N THR A 67 -2.49 -19.41 -7.55
CA THR A 67 -1.66 -19.82 -6.43
C THR A 67 -0.29 -19.12 -6.48
N GLN A 68 0.27 -18.97 -7.70
CA GLN A 68 1.56 -18.30 -7.83
C GLN A 68 1.47 -16.85 -7.38
N VAL A 69 0.45 -16.12 -7.81
CA VAL A 69 0.45 -14.70 -7.43
C VAL A 69 0.22 -14.55 -5.92
N LEU A 70 -0.57 -15.45 -5.32
CA LEU A 70 -0.82 -15.40 -3.88
C LEU A 70 0.46 -15.73 -3.12
N VAL A 71 1.14 -16.79 -3.53
CA VAL A 71 2.35 -17.20 -2.82
C VAL A 71 3.45 -16.15 -3.00
N THR A 72 3.62 -15.65 -4.22
CA THR A 72 4.62 -14.61 -4.44
C THR A 72 4.34 -13.37 -3.60
N GLY A 73 3.08 -12.95 -3.53
CA GLY A 73 2.76 -11.78 -2.72
C GLY A 73 3.07 -11.99 -1.24
N LEU A 74 2.69 -13.15 -0.71
CA LEU A 74 2.91 -13.39 0.71
C LEU A 74 4.39 -13.62 1.00
N CYS A 75 5.14 -14.26 0.08
CA CYS A 75 6.58 -14.35 0.25
C CYS A 75 7.21 -12.97 0.29
N ALA A 76 6.76 -12.06 -0.61
CA ALA A 76 7.35 -10.75 -0.70
C ALA A 76 7.09 -9.92 0.56
N GLN A 78 7.21 -11.19 3.44
N GLN A 78 7.32 -11.29 3.41
CA GLN A 78 8.00 -11.91 4.45
CA GLN A 78 8.10 -12.06 4.39
C GLN A 78 7.09 -12.74 5.36
C GLN A 78 7.18 -12.86 5.31
N LEU A 79 6.03 -13.29 4.79
CA LEU A 79 5.09 -14.11 5.54
C LEU A 79 5.14 -15.58 5.18
N LEU A 80 5.54 -15.88 3.94
CA LEU A 80 5.87 -17.25 3.54
C LEU A 80 7.31 -17.31 3.08
N THR A 81 7.85 -18.51 3.04
CA THR A 81 9.21 -18.70 2.60
C THR A 81 9.26 -19.96 1.75
N LYS A 82 10.18 -19.95 0.78
CA LYS A 82 10.37 -21.10 -0.11
C LYS A 82 11.66 -21.83 0.27
N ARG A 83 11.50 -22.94 1.01
CA ARG A 83 12.58 -23.76 1.61
C ARG A 83 13.85 -23.00 1.89
N ALA A 85 14.18 -26.04 -1.92
CA ALA A 85 13.66 -27.40 -1.87
C ALA A 85 12.16 -27.45 -2.20
N GLY A 86 11.67 -26.44 -2.91
CA GLY A 86 10.31 -26.48 -3.44
C GLY A 86 9.18 -26.16 -2.48
N GLU A 87 9.29 -26.59 -1.23
CA GLU A 87 8.17 -26.47 -0.30
C GLU A 87 7.94 -25.03 0.14
N ILE A 88 6.69 -24.74 0.48
N ILE A 88 6.68 -24.74 0.46
CA ILE A 88 6.26 -23.42 0.95
CA ILE A 88 6.25 -23.43 0.95
C ILE A 88 5.92 -23.53 2.43
C ILE A 88 5.96 -23.57 2.44
N ASP A 89 6.50 -22.65 3.25
CA ASP A 89 6.28 -22.67 4.70
C ASP A 89 5.98 -21.28 5.24
N LEU A 90 5.43 -21.22 6.45
CA LEU A 90 5.30 -19.93 7.13
C LEU A 90 6.64 -19.45 7.63
N THR A 91 6.82 -18.12 7.66
CA THR A 91 7.87 -17.52 8.47
C THR A 91 7.38 -17.37 9.91
N PRO A 92 8.30 -17.17 10.85
CA PRO A 92 7.87 -16.93 12.23
C PRO A 92 6.90 -15.78 12.35
N LEU A 93 7.11 -14.72 11.55
CA LEU A 93 6.22 -13.57 11.61
C LEU A 93 4.76 -13.98 11.33
N ALA A 94 4.55 -14.80 10.29
CA ALA A 94 3.19 -15.28 9.97
C ALA A 94 2.72 -16.29 11.02
N ARG A 95 3.61 -17.16 11.46
CA ARG A 95 3.20 -18.20 12.40
C ARG A 95 2.73 -17.58 13.71
N ASN A 96 3.39 -16.51 14.16
CA ASN A 96 3.05 -15.88 15.43
C ASN A 96 1.86 -14.95 15.32
N HIS A 97 1.64 -14.34 14.17
CA HIS A 97 0.67 -13.26 14.11
C HIS A 97 -0.49 -13.48 13.16
N LEU A 98 -0.45 -14.49 12.29
CA LEU A 98 -1.55 -14.68 11.34
C LEU A 98 -2.20 -16.06 11.45
N VAL A 99 -1.79 -16.87 12.41
CA VAL A 99 -2.44 -18.15 12.72
C VAL A 99 -3.44 -17.89 13.84
N THR A 100 -4.67 -18.40 13.68
N THR A 100 -4.65 -18.40 13.68
CA THR A 100 -5.78 -18.01 14.57
CA THR A 100 -5.74 -18.02 14.56
C THR A 100 -5.62 -18.48 16.01
C THR A 100 -5.43 -18.35 16.01
N THR A 101 -4.85 -19.52 16.27
CA THR A 101 -4.69 -20.02 17.62
C THR A 101 -3.40 -19.54 18.27
N SER A 102 -2.67 -18.68 17.60
CA SER A 102 -1.51 -18.07 18.24
C SER A 102 -1.96 -17.00 19.24
N PRO A 103 -1.35 -16.95 20.42
CA PRO A 103 -1.77 -15.92 21.38
C PRO A 103 -1.44 -14.53 20.89
N PHE A 104 -0.54 -14.39 19.91
CA PHE A 104 -0.19 -13.08 19.37
C PHE A 104 -0.82 -12.85 18.00
N SER A 105 -1.83 -13.60 17.67
CA SER A 105 -2.51 -13.42 16.39
C SER A 105 -3.14 -12.04 16.28
N VAL A 106 -3.03 -11.43 15.10
CA VAL A 106 -3.82 -10.26 14.77
C VAL A 106 -4.73 -10.54 13.59
N GLY A 107 -5.02 -11.82 13.32
CA GLY A 107 -5.89 -12.15 12.22
C GLY A 107 -7.27 -11.50 12.29
N GLY A 108 -7.81 -11.35 13.50
CA GLY A 108 -9.07 -10.66 13.62
C GLY A 108 -9.00 -9.20 13.17
N TYR A 109 -7.86 -8.54 13.40
CA TYR A 109 -7.69 -7.16 12.96
C TYR A 109 -7.64 -7.08 11.44
N ILE A 110 -6.83 -7.94 10.81
CA ILE A 110 -6.79 -8.04 9.35
C ILE A 110 -8.18 -8.33 8.78
N SER A 111 -8.98 -9.11 9.52
CA SER A 111 -10.28 -9.50 9.02
C SER A 111 -11.28 -8.35 9.00
N LEU A 112 -10.95 -7.20 9.62
CA LEU A 112 -11.79 -6.01 9.49
C LEU A 112 -11.94 -5.56 8.04
N ALA A 113 -11.05 -6.01 7.16
CA ALA A 113 -11.14 -5.69 5.75
C ALA A 113 -11.70 -6.83 4.92
N ALA A 114 -12.20 -7.90 5.57
CA ALA A 114 -12.56 -9.11 4.83
C ALA A 114 -13.71 -8.88 3.85
N GLN A 115 -14.56 -7.90 4.12
CA GLN A 115 -15.74 -7.68 3.32
C GLN A 115 -15.66 -6.40 2.51
N SER A 116 -14.49 -5.77 2.45
CA SER A 116 -14.35 -4.61 1.59
C SER A 116 -14.53 -5.03 0.13
N ALA A 117 -15.03 -4.10 -0.69
CA ALA A 117 -15.23 -4.42 -2.09
C ALA A 117 -13.93 -4.88 -2.76
N GLY A 118 -12.81 -4.24 -2.40
CA GLY A 118 -11.54 -4.64 -2.97
C GLY A 118 -11.14 -6.06 -2.58
N THR A 119 -11.30 -6.41 -1.29
CA THR A 119 -10.95 -7.77 -0.88
C THR A 119 -11.84 -8.79 -1.58
N LEU A 120 -13.17 -8.56 -1.55
CA LEU A 120 -14.09 -9.48 -2.20
C LEU A 120 -13.77 -9.65 -3.68
N ALA A 121 -13.43 -8.55 -4.37
CA ALA A 121 -13.08 -8.65 -5.79
C ALA A 121 -11.86 -9.52 -5.99
N LEU A 122 -10.84 -9.35 -5.14
CA LEU A 122 -9.63 -10.13 -5.31
C LEU A 122 -9.91 -11.59 -5.02
N VAL A 123 -10.73 -11.88 -4.00
CA VAL A 123 -11.10 -13.26 -3.69
C VAL A 123 -11.81 -13.89 -4.87
N GLU A 124 -12.79 -13.18 -5.42
CA GLU A 124 -13.52 -13.70 -6.57
C GLU A 124 -12.61 -13.98 -7.75
N ARG A 125 -11.69 -13.04 -8.06
N ARG A 125 -11.65 -13.09 -8.03
CA ARG A 125 -10.70 -13.25 -9.11
CA ARG A 125 -10.77 -13.32 -9.15
C ARG A 125 -9.89 -14.51 -8.85
C ARG A 125 -9.79 -14.46 -8.89
N LEU A 126 -9.34 -14.64 -7.64
CA LEU A 126 -8.50 -15.79 -7.30
C LEU A 126 -9.28 -17.08 -7.48
N LYS A 127 -10.50 -17.13 -6.93
CA LYS A 127 -11.25 -18.37 -6.92
C LYS A 127 -11.77 -18.74 -8.30
N SER A 128 -12.11 -17.74 -9.12
CA SER A 128 -12.72 -18.01 -10.40
C SER A 128 -11.70 -18.22 -11.51
N ASP A 129 -10.43 -17.99 -11.27
CA ASP A 129 -9.49 -18.17 -12.37
C ASP A 129 -9.45 -19.60 -12.91
N ALA A 151 -20.14 3.43 -18.76
CA ALA A 151 -20.82 4.55 -19.44
C ALA A 151 -20.01 5.09 -20.63
N ASP A 153 -18.15 4.53 -24.33
CA ASP A 153 -18.19 3.67 -25.49
C ASP A 153 -16.79 3.14 -25.80
N ARG A 154 -16.74 2.22 -26.77
CA ARG A 154 -15.51 1.49 -27.05
C ARG A 154 -14.35 2.42 -27.39
N GLU A 155 -14.63 3.49 -28.14
CA GLU A 155 -13.58 4.41 -28.54
C GLU A 155 -13.08 5.23 -27.34
N ASP A 156 -14.00 5.81 -26.57
CA ASP A 156 -13.62 6.56 -25.36
C ASP A 156 -12.88 5.66 -24.37
N SER A 157 -13.38 4.46 -24.17
CA SER A 157 -12.73 3.54 -23.24
C SER A 157 -11.30 3.23 -23.67
N ALA A 158 -11.11 2.91 -24.95
CA ALA A 158 -9.75 2.62 -25.40
C ALA A 158 -8.85 3.85 -25.28
N ARG A 159 -9.36 5.03 -25.69
N ARG A 159 -9.37 5.03 -25.64
CA ARG A 159 -8.56 6.25 -25.56
CA ARG A 159 -8.55 6.24 -25.59
C ARG A 159 -8.20 6.52 -24.11
C ARG A 159 -8.25 6.66 -24.15
N PHE A 160 -9.20 6.47 -23.23
CA PHE A 160 -8.97 6.74 -21.82
C PHE A 160 -7.89 5.81 -21.25
N LEU A 161 -7.98 4.51 -21.55
CA LEU A 161 -6.97 3.59 -21.06
C LEU A 161 -5.62 3.84 -21.72
N THR A 162 -5.60 4.06 -23.03
CA THR A 162 -4.32 4.31 -23.69
C THR A 162 -3.64 5.56 -23.14
N LEU A 163 -4.40 6.66 -22.96
CA LEU A 163 -3.80 7.88 -22.45
C LEU A 163 -3.36 7.73 -21.00
N SER A 164 -4.00 6.84 -20.23
CA SER A 164 -3.56 6.61 -18.86
C SER A 164 -2.24 5.86 -18.81
N LEU A 165 -2.09 4.81 -19.61
CA LEU A 165 -0.79 4.14 -19.67
C LEU A 165 0.28 5.01 -20.34
N ALA A 166 -0.11 6.00 -21.15
CA ALA A 166 0.88 6.80 -21.84
C ALA A 166 1.73 7.61 -20.87
N GLY A 167 1.17 8.01 -19.73
CA GLY A 167 1.97 8.75 -18.75
C GLY A 167 3.17 7.96 -18.28
N ARG A 168 2.99 6.66 -18.05
CA ARG A 168 4.14 5.83 -17.70
C ARG A 168 5.14 5.79 -18.85
N ALA A 169 4.66 5.64 -20.09
CA ALA A 169 5.57 5.57 -21.23
C ALA A 169 6.38 6.86 -21.39
N TRP A 170 5.75 8.04 -21.19
CA TRP A 170 6.55 9.26 -21.32
C TRP A 170 7.67 9.30 -20.28
N ASN A 171 7.45 8.68 -19.12
CA ASN A 171 8.51 8.64 -18.11
C ASN A 171 9.60 7.63 -18.42
N VAL A 172 9.29 6.53 -19.10
CA VAL A 172 10.24 5.43 -19.26
C VAL A 172 10.86 5.42 -20.65
N ALA A 173 10.11 5.86 -21.68
CA ALA A 173 10.63 5.76 -23.03
C ALA A 173 11.97 6.50 -23.21
N PRO A 174 12.24 7.64 -22.56
CA PRO A 174 13.58 8.26 -22.72
C PRO A 174 14.71 7.34 -22.27
N ARG A 175 14.55 6.65 -21.13
N ARG A 175 14.53 6.60 -21.17
CA ARG A 175 15.52 5.66 -20.70
CA ARG A 175 15.58 5.68 -20.72
C ARG A 175 15.62 4.54 -21.71
C ARG A 175 15.62 4.41 -21.57
N PHE A 176 14.49 3.98 -22.09
CA PHE A 176 14.46 2.88 -23.03
C PHE A 176 15.25 3.19 -24.28
N ALA A 177 14.97 4.34 -24.90
CA ALA A 177 15.70 4.72 -26.11
C ALA A 177 17.19 4.89 -25.79
N ASP A 178 17.51 5.43 -24.62
CA ASP A 178 18.91 5.66 -24.28
C ASP A 178 19.68 4.35 -24.17
N VAL A 179 19.05 3.28 -23.69
CA VAL A 179 19.81 2.04 -23.46
C VAL A 179 19.65 1.01 -24.57
N LEU A 180 18.77 1.24 -25.55
CA LEU A 180 18.67 0.29 -26.66
C LEU A 180 19.91 0.34 -27.53
N PRO A 181 20.67 -0.75 -27.68
CA PRO A 181 21.85 -0.73 -28.56
C PRO A 181 21.44 -0.59 -30.02
N ALA A 182 22.34 -0.02 -30.83
CA ALA A 182 22.05 0.16 -32.26
C ALA A 182 21.79 -1.17 -32.99
N GLY A 183 22.40 -2.26 -32.54
CA GLY A 183 22.31 -3.50 -33.28
C GLY A 183 23.02 -3.44 -34.63
N GLN A 184 22.75 -4.45 -35.45
CA GLN A 184 23.35 -4.55 -36.78
C GLN A 184 22.73 -3.54 -37.74
N PRO A 185 23.40 -3.24 -38.86
CA PRO A 185 22.69 -2.61 -39.97
C PRO A 185 21.44 -3.41 -40.30
N GLY A 186 20.35 -2.69 -40.60
CA GLY A 186 19.08 -3.36 -40.85
C GLY A 186 19.07 -4.09 -42.18
N LYS A 187 18.15 -5.05 -42.28
CA LYS A 187 18.02 -5.88 -43.47
C LYS A 187 16.75 -5.62 -44.24
N ILE A 188 15.85 -4.79 -43.73
CA ILE A 188 14.58 -4.52 -44.39
C ILE A 188 14.67 -3.30 -45.30
N LEU A 189 15.25 -2.20 -44.83
CA LEU A 189 15.41 -0.99 -45.65
C LEU A 189 16.64 -1.12 -46.53
N LYS A 190 16.53 -0.71 -47.79
CA LYS A 190 17.66 -0.89 -48.72
C LYS A 190 18.54 0.36 -48.83
N SER A 195 25.00 2.56 -44.42
CA SER A 195 24.43 1.43 -43.70
C SER A 195 22.97 1.66 -43.25
N SER A 196 22.12 0.68 -43.54
CA SER A 196 20.69 0.88 -43.35
C SER A 196 20.34 1.04 -41.89
N GLY A 197 19.37 1.90 -41.63
CA GLY A 197 18.67 1.90 -40.35
C GLY A 197 17.88 0.60 -40.19
N ARG A 198 17.29 0.47 -39.01
CA ARG A 198 16.47 -0.69 -38.66
C ARG A 198 15.00 -0.30 -38.69
N VAL A 199 14.16 -1.31 -38.94
CA VAL A 199 12.71 -1.19 -38.82
C VAL A 199 12.32 -1.77 -37.48
N LEU A 200 11.71 -0.94 -36.62
CA LEU A 200 11.27 -1.35 -35.29
C LEU A 200 9.75 -1.51 -35.34
N LEU A 201 9.28 -2.73 -35.11
CA LEU A 201 7.86 -3.07 -35.02
C LEU A 201 7.44 -3.19 -33.57
N ASP A 202 6.40 -2.46 -33.19
CA ASP A 202 5.96 -2.31 -31.81
C ASP A 202 4.61 -3.00 -31.76
N VAL A 203 4.57 -4.22 -31.23
CA VAL A 203 3.35 -5.03 -31.23
C VAL A 203 2.54 -4.74 -29.98
N ALA A 204 1.26 -4.47 -30.19
N ALA A 204 1.28 -4.30 -30.14
CA ALA A 204 0.38 -3.88 -29.20
CA ALA A 204 0.36 -4.12 -29.02
C ALA A 204 1.15 -2.69 -28.66
C ALA A 204 0.92 -3.14 -28.00
N GLY A 205 1.34 -2.57 -27.36
N GLY A 205 1.74 -2.22 -28.50
CA GLY A 205 2.04 -1.44 -26.79
CA GLY A 205 2.39 -1.18 -27.72
C GLY A 205 1.08 -0.31 -26.50
C GLY A 205 1.83 0.18 -28.04
N GLY A 206 0.35 0.12 -27.53
N GLY A 206 0.57 0.21 -28.48
CA GLY A 206 -0.61 1.19 -27.41
CA GLY A 206 -0.18 1.43 -28.64
C GLY A 206 -0.19 2.51 -28.04
C GLY A 206 0.07 2.53 -27.62
N SER A 207 0.35 3.40 -27.21
N SER A 207 -0.12 3.76 -28.10
CA SER A 207 0.58 4.75 -27.68
CA SER A 207 0.63 4.95 -27.73
C SER A 207 1.64 4.78 -28.77
C SER A 207 1.83 4.94 -28.66
N GLY A 208 2.54 3.80 -28.79
CA GLY A 208 3.72 3.78 -29.65
C GLY A 208 4.84 4.70 -29.20
N ILE A 209 4.73 5.21 -27.97
CA ILE A 209 5.66 6.22 -27.47
C ILE A 209 7.08 5.67 -27.42
N TYR A 210 7.25 4.39 -27.05
CA TYR A 210 8.60 3.85 -27.00
C TYR A 210 9.26 3.88 -28.38
N THR A 211 8.48 3.54 -29.41
CA THR A 211 9.01 3.57 -30.78
C THR A 211 9.30 5.01 -31.21
N ALA A 213 10.26 7.51 -29.33
CA ALA A 213 11.55 7.88 -28.74
C ALA A 213 12.71 7.26 -29.51
N VAL A 214 12.62 5.96 -29.83
CA VAL A 214 13.70 5.33 -30.57
C VAL A 214 13.90 6.04 -31.90
N LEU A 215 12.81 6.40 -32.58
CA LEU A 215 12.97 7.05 -33.88
C LEU A 215 13.60 8.44 -33.76
N GLN A 216 13.35 9.18 -32.66
CA GLN A 216 14.09 10.44 -32.46
C GLN A 216 15.57 10.18 -32.21
N LYS A 217 15.90 9.09 -31.54
CA LYS A 217 17.30 8.80 -31.29
C LYS A 217 18.02 8.35 -32.55
N TYR A 218 17.31 7.65 -33.44
CA TYR A 218 17.89 7.00 -34.61
C TYR A 218 17.17 7.55 -35.84
N PRO A 219 17.62 8.68 -36.38
CA PRO A 219 16.91 9.34 -37.49
C PRO A 219 16.82 8.51 -38.77
N THR A 220 17.65 7.47 -38.93
CA THR A 220 17.59 6.64 -40.13
C THR A 220 16.65 5.46 -39.98
N TRP A 221 16.06 5.27 -38.80
CA TRP A 221 15.20 4.10 -38.60
C TRP A 221 13.78 4.41 -39.03
N ARG A 222 12.98 3.34 -39.16
N ARG A 222 12.99 3.35 -39.16
CA ARG A 222 11.55 3.46 -39.39
CA ARG A 222 11.56 3.42 -39.38
C ARG A 222 10.82 2.62 -38.36
C ARG A 222 10.86 2.66 -38.29
N GLY A 223 9.62 3.02 -38.03
CA GLY A 223 8.84 2.35 -37.01
C GLY A 223 7.48 1.92 -37.54
N ILE A 224 6.95 0.87 -36.93
CA ILE A 224 5.63 0.36 -37.26
C ILE A 224 4.92 0.09 -35.94
N ILE A 225 3.76 0.71 -35.73
CA ILE A 225 2.91 0.39 -34.60
C ILE A 225 1.82 -0.57 -35.09
N PHE A 226 1.71 -1.71 -34.44
CA PHE A 226 0.70 -2.73 -34.77
C PHE A 226 -0.24 -2.84 -33.57
N ASP A 227 -1.52 -2.52 -33.77
CA ASP A 227 -2.46 -2.54 -32.63
C ASP A 227 -3.89 -2.47 -33.17
N ARG A 228 -4.86 -2.40 -32.24
CA ARG A 228 -6.27 -2.20 -32.61
C ARG A 228 -6.50 -0.79 -33.13
N PRO A 229 -7.45 -0.61 -34.05
CA PRO A 229 -7.67 0.74 -34.63
C PRO A 229 -7.94 1.83 -33.62
N GLU A 230 -8.74 1.55 -32.58
CA GLU A 230 -9.05 2.57 -31.58
C GLU A 230 -7.80 3.10 -30.90
N VAL A 231 -6.77 2.27 -30.79
CA VAL A 231 -5.53 2.68 -30.14
C VAL A 231 -4.62 3.45 -31.10
N LEU A 232 -4.62 3.05 -32.38
CA LEU A 232 -3.77 3.71 -33.36
C LEU A 232 -4.12 5.18 -33.55
N LYS A 233 -5.34 5.59 -33.20
CA LYS A 233 -5.70 7.00 -33.29
C LYS A 233 -4.80 7.84 -32.39
N ILE A 234 -4.52 7.32 -31.18
CA ILE A 234 -3.64 8.05 -30.26
C ILE A 234 -2.23 8.11 -30.82
N ALA A 235 -1.74 6.98 -31.34
CA ALA A 235 -0.40 6.97 -31.94
C ALA A 235 -0.30 7.99 -33.05
N ALA A 236 -1.34 8.14 -33.87
CA ALA A 236 -1.27 9.08 -34.98
C ALA A 236 -1.07 10.50 -34.47
N GLU A 237 -1.80 10.87 -33.41
CA GLU A 237 -1.66 12.20 -32.81
C GLU A 237 -0.24 12.40 -32.27
N LEU A 238 0.23 11.41 -31.50
CA LEU A 238 1.52 11.57 -30.85
C LEU A 238 2.67 11.55 -31.85
N ALA A 239 2.52 10.78 -32.95
CA ALA A 239 3.54 10.80 -34.00
C ALA A 239 3.67 12.18 -34.61
N GLU A 240 2.56 12.90 -34.75
CA GLU A 240 2.64 14.28 -35.24
C GLU A 240 3.35 15.18 -34.24
N GLN A 241 3.00 15.04 -32.96
CA GLN A 241 3.62 15.89 -31.95
C GLN A 241 5.12 15.69 -31.90
N THR A 242 5.59 14.43 -32.00
CA THR A 242 7.00 14.12 -31.84
C THR A 242 7.75 14.25 -33.16
N GLY A 243 7.07 14.60 -34.25
CA GLY A 243 7.74 14.86 -35.52
C GLY A 243 8.31 13.64 -36.22
N VAL A 244 7.83 12.44 -35.90
CA VAL A 244 8.33 11.22 -36.55
C VAL A 244 7.27 10.60 -37.46
N ARG A 245 6.18 11.32 -37.71
CA ARG A 245 5.06 10.79 -38.47
C ARG A 245 5.48 10.21 -39.83
N ASP A 246 6.42 10.88 -40.51
N ASP A 246 6.43 10.87 -40.52
CA ASP A 246 6.80 10.44 -41.84
CA ASP A 246 6.84 10.42 -41.85
C ASP A 246 7.61 9.14 -41.81
C ASP A 246 7.84 9.28 -41.82
N ARG A 247 8.10 8.73 -40.65
CA ARG A 247 8.90 7.51 -40.53
C ARG A 247 8.18 6.44 -39.72
N LEU A 248 6.88 6.63 -39.51
CA LEU A 248 6.05 5.73 -38.72
C LEU A 248 4.86 5.27 -39.56
N GLU A 249 4.56 3.98 -39.51
CA GLU A 249 3.34 3.45 -40.08
C GLU A 249 2.50 2.86 -38.96
N LEU A 250 1.18 2.97 -39.10
CA LEU A 250 0.21 2.46 -38.14
C LEU A 250 -0.59 1.35 -38.81
N HIS A 251 -0.50 0.14 -38.29
CA HIS A 251 -1.19 -1.02 -38.85
C HIS A 251 -2.17 -1.61 -37.85
N ALA A 252 -3.43 -1.73 -38.26
CA ALA A 252 -4.44 -2.39 -37.47
C ALA A 252 -4.32 -3.89 -37.70
N GLY A 253 -4.36 -4.65 -36.62
CA GLY A 253 -4.29 -6.07 -36.81
C GLY A 253 -4.48 -6.78 -35.49
N ASP A 254 -4.72 -8.06 -35.62
CA ASP A 254 -4.88 -8.99 -34.51
C ASP A 254 -3.56 -9.75 -34.42
N TRP A 256 -2.44 -12.28 -32.97
CA TRP A 256 -2.38 -13.73 -32.93
C TRP A 256 -2.46 -14.35 -34.31
N VAL A 257 -3.09 -13.69 -35.27
CA VAL A 257 -3.46 -14.34 -36.54
C VAL A 257 -3.06 -13.54 -37.76
N ASP A 258 -2.98 -12.22 -37.64
CA ASP A 258 -2.62 -11.45 -38.80
C ASP A 258 -1.10 -11.42 -38.94
N PRO A 259 -0.59 -11.38 -40.17
CA PRO A 259 0.87 -11.39 -40.35
C PRO A 259 1.52 -10.12 -39.82
N PHE A 260 2.61 -10.30 -39.10
CA PHE A 260 3.39 -9.14 -38.72
C PHE A 260 4.12 -8.62 -39.95
N PRO A 261 4.30 -7.32 -40.07
CA PRO A 261 5.06 -6.77 -41.20
C PRO A 261 6.54 -7.05 -41.02
N PRO A 262 7.31 -7.04 -42.11
CA PRO A 262 8.76 -7.24 -41.99
C PRO A 262 9.37 -6.19 -41.06
N ALA A 263 10.28 -6.64 -40.22
CA ALA A 263 10.92 -5.78 -39.24
C ALA A 263 12.27 -6.36 -38.85
N ASP A 264 13.18 -5.48 -38.43
CA ASP A 264 14.45 -5.93 -37.86
C ASP A 264 14.31 -6.22 -36.36
N ASP A 265 13.64 -5.34 -35.63
CA ASP A 265 13.43 -5.46 -34.19
C ASP A 265 11.94 -5.53 -33.92
N ILE A 266 11.53 -6.39 -32.98
CA ILE A 266 10.13 -6.45 -32.55
C ILE A 266 10.10 -6.18 -31.06
N LEU A 267 9.30 -5.19 -30.65
CA LEU A 267 9.16 -4.78 -29.25
C LEU A 267 7.84 -5.30 -28.68
N LEU A 268 7.92 -5.96 -27.54
CA LEU A 268 6.78 -6.37 -26.73
C LEU A 268 6.97 -5.65 -25.39
N SER A 269 6.32 -4.50 -25.22
CA SER A 269 6.53 -3.67 -24.04
C SER A 269 5.27 -3.74 -23.20
N ASN A 270 5.35 -4.31 -21.99
CA ASN A 270 4.19 -4.46 -21.12
C ASN A 270 3.05 -5.19 -21.80
N VAL A 271 3.42 -6.16 -22.65
CA VAL A 271 2.47 -7.01 -23.35
C VAL A 271 2.44 -8.40 -22.75
N LEU A 272 3.61 -9.01 -22.59
CA LEU A 272 3.61 -10.44 -22.22
C LEU A 272 3.00 -10.66 -20.84
N HIS A 273 3.14 -9.68 -19.92
CA HIS A 273 2.58 -9.89 -18.58
C HIS A 273 1.04 -9.85 -18.58
N ASP A 274 0.41 -9.52 -19.72
CA ASP A 274 -1.05 -9.61 -19.83
C ASP A 274 -1.55 -11.03 -20.11
N TRP A 275 -0.65 -11.99 -20.33
CA TRP A 275 -1.02 -13.28 -20.90
C TRP A 275 -0.49 -14.41 -20.03
N ASP A 276 -1.23 -15.51 -20.03
CA ASP A 276 -0.81 -16.72 -19.34
C ASP A 276 0.33 -17.38 -20.11
N ARG A 277 0.95 -18.37 -19.49
N ARG A 277 0.98 -18.34 -19.45
CA ARG A 277 2.21 -18.91 -20.02
CA ARG A 277 2.20 -18.97 -19.98
C ARG A 277 2.11 -19.52 -21.41
C ARG A 277 2.06 -19.45 -21.43
N PRO A 278 1.07 -20.28 -21.79
CA PRO A 278 1.03 -20.80 -23.18
C PRO A 278 0.89 -19.71 -24.21
N GLN A 279 0.17 -18.65 -23.86
CA GLN A 279 0.00 -17.52 -24.78
C GLN A 279 1.30 -16.72 -24.89
N CYS A 280 2.04 -16.58 -23.79
CA CYS A 280 3.36 -15.95 -23.88
C CYS A 280 4.26 -16.72 -24.84
N ALA A 281 4.31 -18.05 -24.72
CA ALA A 281 5.18 -18.83 -25.59
C ALA A 281 4.75 -18.68 -27.05
N ARG A 282 3.43 -18.68 -27.27
CA ARG A 282 2.88 -18.54 -28.62
C ARG A 282 3.29 -17.19 -29.22
N LEU A 283 3.14 -16.10 -28.43
CA LEU A 283 3.42 -14.76 -28.99
C LEU A 283 4.91 -14.62 -29.28
N VAL A 284 5.75 -15.13 -28.39
CA VAL A 284 7.19 -15.06 -28.60
C VAL A 284 7.59 -15.84 -29.86
N ALA A 285 6.99 -17.03 -30.04
CA ALA A 285 7.28 -17.82 -31.24
C ALA A 285 6.84 -17.10 -32.53
N LYS A 286 5.63 -16.54 -32.53
CA LYS A 286 5.13 -15.89 -33.74
C LYS A 286 5.99 -14.69 -34.10
N ALA A 287 6.30 -13.85 -33.11
CA ALA A 287 7.19 -12.73 -33.37
C ALA A 287 8.54 -13.19 -33.92
N THR A 288 9.13 -14.21 -33.30
CA THR A 288 10.44 -14.72 -33.71
C THR A 288 10.42 -15.25 -35.14
N SER A 289 9.29 -15.84 -35.55
N SER A 289 9.28 -15.85 -35.54
CA SER A 289 9.24 -16.59 -36.80
CA SER A 289 9.22 -16.58 -36.79
C SER A 289 9.56 -15.72 -38.01
C SER A 289 9.56 -15.71 -37.99
N GLY A 290 9.23 -14.43 -37.94
CA GLY A 290 9.47 -13.56 -39.06
C GLY A 290 10.75 -12.74 -39.01
N LEU A 291 11.52 -12.84 -37.93
CA LEU A 291 12.73 -12.03 -37.82
C LEU A 291 13.78 -12.48 -38.84
N PRO A 292 14.50 -11.55 -39.46
CA PRO A 292 15.68 -11.92 -40.23
C PRO A 292 16.81 -12.32 -39.30
N GLU A 293 17.82 -12.98 -39.86
CA GLU A 293 18.98 -13.30 -39.03
C GLU A 293 19.58 -11.99 -38.52
N GLY A 294 19.88 -11.92 -37.23
CA GLY A 294 20.31 -10.69 -36.62
C GLY A 294 19.18 -9.78 -36.22
N GLY A 295 17.94 -10.13 -36.53
CA GLY A 295 16.82 -9.45 -35.91
C GLY A 295 16.81 -9.64 -34.41
N ARG A 296 16.12 -8.76 -33.71
CA ARG A 296 16.03 -8.81 -32.26
C ARG A 296 14.59 -8.87 -31.79
N LEU A 297 14.36 -9.65 -30.74
CA LEU A 297 13.15 -9.56 -29.97
C LEU A 297 13.48 -8.74 -28.71
N LEU A 298 12.78 -7.64 -28.55
CA LEU A 298 12.92 -6.73 -27.41
C LEU A 298 11.73 -6.94 -26.49
N ILE A 299 11.97 -7.53 -25.32
CA ILE A 299 10.90 -7.67 -24.32
C ILE A 299 11.16 -6.60 -23.27
N HIS A 300 10.16 -5.74 -23.03
CA HIS A 300 10.28 -4.68 -22.04
C HIS A 300 9.22 -4.91 -20.99
N ASP A 301 9.62 -5.24 -19.76
CA ASP A 301 8.62 -5.62 -18.79
C ASP A 301 9.25 -5.50 -17.41
N VAL A 302 8.45 -5.79 -16.38
CA VAL A 302 8.98 -5.83 -15.02
C VAL A 302 9.47 -7.25 -14.76
N LEU A 303 10.23 -7.44 -13.69
CA LEU A 303 10.78 -8.75 -13.37
C LEU A 303 10.56 -9.11 -11.91
N LEU A 304 9.95 -10.27 -11.67
CA LEU A 304 10.08 -10.95 -10.40
C LEU A 304 11.46 -11.59 -10.29
N ASN A 305 11.90 -11.83 -9.05
CA ASN A 305 13.17 -12.50 -8.84
C ASN A 305 13.03 -13.99 -9.24
N SER A 306 14.17 -14.69 -9.28
CA SER A 306 14.17 -16.01 -9.91
C SER A 306 13.37 -17.06 -9.12
N ASP A 307 13.19 -16.82 -7.82
N ASP A 307 13.14 -16.90 -7.82
CA ASP A 307 12.40 -17.67 -6.93
CA ASP A 307 12.28 -17.87 -7.20
C ASP A 307 10.92 -17.33 -6.93
C ASP A 307 10.91 -17.31 -6.89
N LEU A 308 10.53 -16.22 -7.56
CA LEU A 308 9.18 -15.66 -7.47
C LEU A 308 8.78 -15.39 -6.02
N THR A 309 9.68 -14.76 -5.28
CA THR A 309 9.41 -14.39 -3.90
C THR A 309 9.42 -12.88 -3.68
N GLY A 310 9.60 -12.11 -4.73
CA GLY A 310 9.67 -10.67 -4.60
C GLY A 310 10.24 -10.11 -5.90
N PRO A 311 10.59 -8.82 -5.92
CA PRO A 311 10.44 -7.91 -4.78
C PRO A 311 8.98 -7.49 -4.55
N LEU A 312 8.75 -6.90 -3.38
CA LEU A 312 7.39 -6.56 -2.96
C LEU A 312 6.67 -5.70 -4.00
N GLU A 313 7.33 -4.64 -4.49
CA GLU A 313 6.59 -3.74 -5.37
C GLU A 313 6.15 -4.46 -6.65
N ILE A 314 6.94 -5.43 -7.14
CA ILE A 314 6.55 -6.16 -8.35
C ILE A 314 5.50 -7.21 -8.00
N ALA A 315 5.57 -7.79 -6.80
CA ALA A 315 4.56 -8.77 -6.39
C ALA A 315 3.19 -8.10 -6.25
N LEU A 316 3.15 -6.85 -5.79
CA LEU A 316 1.85 -6.17 -5.69
C LEU A 316 1.34 -5.77 -7.07
N TYR A 317 2.23 -5.26 -7.92
CA TYR A 317 1.84 -4.96 -9.30
C TYR A 317 1.35 -6.22 -10.01
N SER A 318 1.98 -7.37 -9.71
CA SER A 318 1.53 -8.65 -10.28
C SER A 318 0.09 -8.97 -9.89
N LEU A 319 -0.30 -8.67 -8.65
CA LEU A 319 -1.69 -8.84 -8.25
C LEU A 319 -2.63 -7.95 -9.05
N ALA A 320 -2.19 -6.71 -9.36
CA ALA A 320 -2.99 -5.85 -10.23
C ALA A 320 -3.13 -6.47 -11.61
N LEU A 321 -2.04 -6.99 -12.17
CA LEU A 321 -2.10 -7.60 -13.50
C LEU A 321 -2.96 -8.86 -13.48
N PHE A 322 -2.84 -9.66 -12.42
CA PHE A 322 -3.68 -10.85 -12.29
C PHE A 322 -5.15 -10.46 -12.27
N SER A 323 -5.47 -9.34 -11.61
CA SER A 323 -6.85 -8.92 -11.46
C SER A 323 -7.44 -8.41 -12.76
N LEU A 324 -6.60 -7.87 -13.65
CA LEU A 324 -7.07 -7.18 -14.84
C LEU A 324 -6.85 -7.93 -16.13
N THR A 325 -6.01 -8.97 -16.13
CA THR A 325 -5.56 -9.62 -17.35
C THR A 325 -5.52 -11.12 -17.13
N GLU A 326 -5.03 -11.85 -18.15
CA GLU A 326 -4.84 -13.29 -18.07
C GLU A 326 -3.45 -13.70 -17.58
N GLY A 327 -2.59 -12.72 -17.30
CA GLY A 327 -1.24 -13.05 -16.89
C GLY A 327 -0.86 -12.64 -15.48
N ARG A 328 0.41 -12.26 -15.33
CA ARG A 328 1.00 -11.83 -14.08
C ARG A 328 2.41 -11.34 -14.41
N ALA A 329 3.10 -10.79 -13.41
CA ALA A 329 4.52 -10.51 -13.63
C ALA A 329 5.28 -11.83 -13.70
N TYR A 330 6.34 -11.85 -14.51
CA TYR A 330 7.18 -13.01 -14.72
C TYR A 330 8.63 -12.70 -14.34
N SER A 331 9.44 -13.75 -14.15
CA SER A 331 10.86 -13.59 -13.84
C SER A 331 11.70 -13.60 -15.12
N LEU A 332 12.97 -13.17 -14.99
CA LEU A 332 13.88 -13.27 -16.14
C LEU A 332 14.02 -14.71 -16.58
N GLU A 333 14.08 -15.65 -15.61
CA GLU A 333 14.21 -17.06 -15.95
C GLU A 333 13.01 -17.53 -16.77
N GLU A 334 11.80 -17.03 -16.44
CA GLU A 334 10.61 -17.40 -17.22
C GLU A 334 10.67 -16.82 -18.64
N TYR A 335 10.99 -15.53 -18.78
CA TYR A 335 11.20 -14.98 -20.12
C TYR A 335 12.27 -15.77 -20.90
N ARG A 336 13.37 -16.12 -20.24
CA ARG A 336 14.44 -16.84 -20.94
C ARG A 336 13.99 -18.23 -21.38
N GLY A 337 13.05 -18.83 -20.65
CA GLY A 337 12.47 -20.08 -21.09
C GLY A 337 11.75 -19.95 -22.41
N TRP A 338 10.94 -18.89 -22.57
CA TRP A 338 10.23 -18.68 -23.82
C TRP A 338 11.19 -18.30 -24.94
N ILE A 339 12.19 -17.47 -24.62
CA ILE A 339 13.22 -17.09 -25.59
C ILE A 339 13.93 -18.32 -26.12
N ALA A 340 14.36 -19.19 -25.20
CA ALA A 340 15.07 -20.41 -25.59
C ALA A 340 14.17 -21.37 -26.35
N GLY A 341 12.89 -21.41 -26.01
CA GLY A 341 11.98 -22.27 -26.73
C GLY A 341 11.71 -21.81 -28.15
N ALA A 342 11.94 -20.54 -28.44
CA ALA A 342 11.79 -20.01 -29.78
C ALA A 342 13.12 -20.04 -30.54
N ASP A 343 14.15 -20.57 -29.93
CA ASP A 343 15.46 -20.76 -30.53
C ASP A 343 16.18 -19.44 -30.77
N LEU A 344 15.72 -18.36 -30.12
CA LEU A 344 16.45 -17.11 -30.02
C LEU A 344 17.67 -17.26 -29.12
N LYS A 345 18.62 -16.35 -29.27
CA LYS A 345 19.79 -16.31 -28.38
C LYS A 345 19.62 -15.14 -27.41
N TYR A 346 19.60 -15.43 -26.11
CA TYR A 346 19.53 -14.38 -25.11
C TYR A 346 20.81 -13.57 -25.13
N VAL A 347 20.68 -12.25 -25.06
CA VAL A 347 21.81 -11.34 -25.13
C VAL A 347 22.05 -10.61 -23.81
N ASP A 348 21.02 -9.93 -23.30
CA ASP A 348 21.29 -9.04 -22.16
C ASP A 348 19.97 -8.64 -21.53
N CYS A 349 20.07 -8.09 -20.31
CA CYS A 349 18.94 -7.49 -19.59
C CYS A 349 19.41 -6.14 -19.08
N ILE A 350 18.72 -5.06 -19.43
CA ILE A 350 19.15 -3.71 -19.13
C ILE A 350 18.03 -2.93 -18.46
N PRO A 351 18.22 -2.40 -17.25
CA PRO A 351 17.14 -1.66 -16.59
C PRO A 351 16.79 -0.38 -17.36
N THR A 352 15.49 -0.06 -17.35
CA THR A 352 15.01 1.21 -17.88
C THR A 352 14.60 2.08 -16.70
N SER A 353 13.29 2.27 -16.46
N SER A 353 13.30 2.23 -16.42
CA SER A 353 12.82 2.96 -15.27
CA SER A 353 12.85 2.92 -15.22
C SER A 353 11.45 2.40 -14.90
C SER A 353 11.44 2.44 -14.92
N ALA A 354 10.90 2.89 -13.79
CA ALA A 354 9.62 2.40 -13.26
C ALA A 354 9.61 0.87 -13.18
N HIS A 355 10.73 0.31 -12.73
CA HIS A 355 10.95 -1.12 -12.58
C HIS A 355 11.04 -1.87 -13.91
N GLY A 356 11.09 -1.16 -15.04
CA GLY A 356 11.18 -1.83 -16.33
C GLY A 356 12.56 -2.37 -16.62
N HIS A 357 12.59 -3.42 -17.43
CA HIS A 357 13.82 -4.04 -17.88
C HIS A 357 13.68 -4.34 -19.36
N LEU A 358 14.73 -4.07 -20.11
CA LEU A 358 14.78 -4.42 -21.53
C LEU A 358 15.54 -5.74 -21.64
N ILE A 359 14.84 -6.79 -22.03
CA ILE A 359 15.44 -8.09 -22.26
C ILE A 359 15.70 -8.21 -23.76
N LEU A 360 16.96 -8.33 -24.15
CA LEU A 360 17.37 -8.36 -25.54
C LEU A 360 17.73 -9.79 -25.95
N SER A 361 17.17 -10.24 -27.08
N SER A 361 17.19 -10.25 -27.08
CA SER A 361 17.49 -11.53 -27.66
CA SER A 361 17.56 -11.53 -27.65
C SER A 361 17.63 -11.38 -29.17
C SER A 361 17.61 -11.46 -29.17
N GLU A 362 18.35 -12.32 -29.78
N GLU A 362 18.49 -12.26 -29.76
CA GLU A 362 18.77 -12.19 -31.17
CA GLU A 362 18.79 -12.20 -31.18
C GLU A 362 18.37 -13.44 -31.97
C GLU A 362 18.25 -13.42 -31.92
N LYS A 363 17.84 -13.21 -33.17
CA LYS A 363 17.46 -14.32 -34.03
C LYS A 363 18.71 -14.97 -34.57
N VAL A 364 18.78 -16.30 -34.45
CA VAL A 364 19.95 -17.00 -34.95
C VAL A 364 19.53 -17.95 -36.05
N ALA B 5 -4.86 -22.97 35.50
CA ALA B 5 -4.00 -22.45 34.43
C ALA B 5 -4.06 -20.93 34.40
N VAL B 6 -2.92 -20.28 34.16
CA VAL B 6 -2.88 -18.83 34.11
C VAL B 6 -2.26 -18.40 32.78
N LYS B 7 -3.01 -17.63 32.01
CA LYS B 7 -2.51 -17.03 30.78
C LYS B 7 -1.50 -15.93 31.08
N ASP B 8 -0.32 -16.01 30.47
CA ASP B 8 0.71 -15.02 30.74
C ASP B 8 0.47 -13.79 29.87
N ALA B 9 0.50 -12.61 30.49
CA ALA B 9 0.32 -11.36 29.76
C ALA B 9 1.61 -10.54 29.77
N LEU B 10 2.69 -11.09 30.33
CA LEU B 10 3.93 -10.34 30.47
C LEU B 10 5.04 -10.78 29.52
N ARG B 11 4.95 -11.98 28.94
CA ARG B 11 6.01 -12.43 28.04
C ARG B 11 5.96 -11.62 26.77
N PHE B 12 7.11 -11.08 26.36
CA PHE B 12 7.15 -10.36 25.09
C PHE B 12 6.91 -11.33 23.94
N PRO B 13 6.21 -10.89 22.88
CA PRO B 13 6.08 -11.75 21.69
C PRO B 13 7.43 -12.00 21.06
N PRO B 14 7.63 -13.18 20.45
CA PRO B 14 8.95 -13.50 19.90
C PRO B 14 9.30 -12.73 18.65
N THR B 15 8.32 -12.18 17.94
CA THR B 15 8.51 -11.35 16.77
C THR B 15 7.68 -10.09 16.94
N ASP B 16 8.00 -9.09 16.13
CA ASP B 16 7.34 -7.79 16.16
C ASP B 16 6.31 -7.76 15.04
N VAL B 17 5.03 -7.71 15.41
CA VAL B 17 3.94 -7.69 14.45
C VAL B 17 3.85 -6.38 13.66
N THR B 18 4.57 -5.32 14.09
CA THR B 18 4.34 -3.98 13.52
C THR B 18 4.34 -3.93 11.99
N PRO B 19 5.28 -4.55 11.28
CA PRO B 19 5.25 -4.45 9.80
C PRO B 19 3.98 -4.98 9.17
N ILE B 20 3.31 -5.98 9.76
CA ILE B 20 2.04 -6.44 9.21
C ILE B 20 0.99 -5.32 9.25
N PHE B 21 0.91 -4.60 10.36
CA PHE B 21 -0.03 -3.46 10.43
C PHE B 21 0.29 -2.43 9.36
N ASP B 22 1.59 -2.15 9.14
CA ASP B 22 1.95 -1.15 8.15
C ASP B 22 1.54 -1.61 6.75
N LEU B 23 1.76 -2.89 6.43
CA LEU B 23 1.36 -3.38 5.11
C LEU B 23 -0.13 -3.31 4.95
N PHE B 24 -0.86 -3.62 6.03
CA PHE B 24 -2.30 -3.65 6.01
C PHE B 24 -2.91 -2.28 5.69
N ARG B 25 -2.19 -1.17 5.93
CA ARG B 25 -2.76 0.15 5.65
C ARG B 25 -2.58 0.58 4.21
N GLY B 26 -2.05 -0.28 3.33
CA GLY B 26 -1.70 0.15 2.00
C GLY B 26 -2.87 0.69 1.18
N ASN B 27 -4.09 0.18 1.41
CA ASN B 27 -5.22 0.69 0.62
C ASN B 27 -5.40 2.20 0.79
N PHE B 28 -5.08 2.74 1.98
CA PHE B 28 -5.25 4.18 2.17
C PHE B 28 -4.25 4.99 1.34
N ALA B 29 -3.11 4.41 0.97
CA ALA B 29 -2.20 5.11 0.07
C ALA B 29 -2.82 5.23 -1.33
N THR B 30 -3.32 4.10 -1.86
CA THR B 30 -4.00 4.11 -3.15
C THR B 30 -5.19 5.07 -3.13
N GLU B 31 -6.05 4.95 -2.12
CA GLU B 31 -7.26 5.78 -2.07
C GLU B 31 -6.92 7.26 -1.94
N LEU B 32 -5.95 7.61 -1.11
CA LEU B 32 -5.63 9.04 -0.97
C LEU B 32 -5.06 9.59 -2.28
N LEU B 33 -4.22 8.82 -2.98
CA LEU B 33 -3.70 9.27 -4.28
C LEU B 33 -4.83 9.47 -5.28
N ALA B 34 -5.73 8.48 -5.40
CA ALA B 34 -6.81 8.58 -6.38
C ALA B 34 -7.79 9.68 -6.00
N ALA B 35 -8.10 9.82 -4.70
CA ALA B 35 -8.96 10.92 -4.26
C ALA B 35 -8.33 12.26 -4.60
N SER B 36 -7.03 12.40 -4.31
CA SER B 36 -6.35 13.69 -4.47
C SER B 36 -6.18 14.09 -5.92
N VAL B 37 -5.86 13.12 -6.79
CA VAL B 37 -5.70 13.42 -8.22
C VAL B 37 -7.04 13.61 -8.88
N ALA B 38 -7.93 12.62 -8.77
CA ALA B 38 -9.08 12.54 -9.66
C ALA B 38 -10.31 13.27 -9.14
N HIS B 39 -10.47 13.42 -7.84
CA HIS B 39 -11.65 14.05 -7.27
C HIS B 39 -11.40 15.45 -6.72
N LEU B 40 -10.31 15.64 -6.00
CA LEU B 40 -10.11 16.93 -5.36
C LEU B 40 -9.15 17.84 -6.12
N HIS B 41 -8.47 17.32 -7.14
CA HIS B 41 -7.55 18.10 -7.96
C HIS B 41 -6.53 18.86 -7.11
N VAL B 42 -6.05 18.20 -6.03
CA VAL B 42 -5.15 18.83 -5.05
C VAL B 42 -3.91 19.41 -5.72
N PHE B 43 -3.31 18.64 -6.63
CA PHE B 43 -2.01 19.02 -7.15
C PHE B 43 -2.13 20.12 -8.19
N ASP B 44 -3.15 20.03 -9.06
CA ASP B 44 -3.40 21.13 -9.98
C ASP B 44 -3.69 22.43 -9.23
N ILE B 45 -4.41 22.36 -8.11
CA ILE B 45 -4.71 23.58 -7.37
C ILE B 45 -3.44 24.15 -6.76
N LEU B 46 -2.66 23.31 -6.06
CA LEU B 46 -1.49 23.83 -5.38
C LEU B 46 -0.40 24.24 -6.37
N ASN B 47 -0.41 23.67 -7.58
CA ASN B 47 0.55 24.11 -8.60
C ASN B 47 0.38 25.59 -8.93
N GLU B 48 -0.82 26.12 -8.72
CA GLU B 48 -1.06 27.54 -8.99
C GLU B 48 -0.24 28.41 -8.06
N SER B 49 -0.10 27.99 -6.80
CA SER B 49 0.49 28.79 -5.76
C SER B 49 0.44 28.01 -4.45
N PRO B 50 1.47 28.10 -3.62
CA PRO B 50 1.35 27.55 -2.27
C PRO B 50 0.21 28.23 -1.53
N LEU B 51 -0.38 27.50 -0.58
CA LEU B 51 -1.53 27.97 0.17
C LEU B 51 -1.33 27.62 1.63
N SER B 52 -1.87 28.47 2.51
CA SER B 52 -1.97 28.13 3.92
C SER B 52 -2.95 26.98 4.11
N LEU B 53 -2.84 26.31 5.25
CA LEU B 53 -3.81 25.26 5.57
C LEU B 53 -5.23 25.80 5.48
N ASP B 54 -5.48 26.99 6.06
CA ASP B 54 -6.82 27.53 6.01
C ASP B 54 -7.25 27.87 4.58
N GLU B 55 -6.33 28.43 3.78
CA GLU B 55 -6.63 28.69 2.37
C GLU B 55 -6.96 27.40 1.62
N LEU B 56 -6.19 26.34 1.87
CA LEU B 56 -6.46 25.08 1.18
C LEU B 56 -7.79 24.49 1.63
N GLN B 57 -8.05 24.50 2.95
N GLN B 57 -8.08 24.55 2.94
CA GLN B 57 -9.37 24.13 3.48
CA GLN B 57 -9.36 24.06 3.43
C GLN B 57 -10.47 24.76 2.65
C GLN B 57 -10.53 24.77 2.75
N ARG B 58 -10.42 26.08 2.52
CA ARG B 58 -11.45 26.81 1.78
C ARG B 58 -11.51 26.37 0.31
N ARG B 59 -10.36 26.30 -0.37
CA ARG B 59 -10.39 25.94 -1.79
C ARG B 59 -10.93 24.53 -2.01
N LEU B 60 -10.57 23.57 -1.14
CA LEU B 60 -11.04 22.21 -1.31
C LEU B 60 -12.44 22.00 -0.75
N VAL B 61 -12.96 22.97 0.01
CA VAL B 61 -14.27 22.87 0.64
C VAL B 61 -14.31 21.65 1.57
N LEU B 62 -13.34 21.59 2.50
CA LEU B 62 -13.22 20.50 3.44
C LEU B 62 -13.17 21.04 4.86
N SER B 63 -13.54 20.20 5.81
CA SER B 63 -13.37 20.53 7.22
C SER B 63 -11.88 20.68 7.55
N GLU B 64 -11.59 21.26 8.72
CA GLU B 64 -10.21 21.29 9.21
C GLU B 64 -9.64 19.89 9.34
N ARG B 65 -10.41 18.97 9.93
CA ARG B 65 -9.88 17.63 10.17
C ARG B 65 -9.61 16.92 8.85
N ALA B 66 -10.56 16.99 7.91
CA ALA B 66 -10.34 16.37 6.59
C ALA B 66 -9.12 16.95 5.90
N THR B 67 -8.95 18.29 5.97
CA THR B 67 -7.80 18.89 5.31
C THR B 67 -6.51 18.44 5.98
N GLN B 68 -6.47 18.45 7.32
N GLN B 68 -6.51 18.27 7.30
CA GLN B 68 -5.27 18.03 8.04
CA GLN B 68 -5.25 17.85 7.91
C GLN B 68 -4.86 16.64 7.61
C GLN B 68 -4.93 16.38 7.64
N VAL B 69 -5.82 15.72 7.58
N VAL B 69 -5.91 15.47 7.58
CA VAL B 69 -5.51 14.32 7.31
CA VAL B 69 -5.49 14.10 7.27
C VAL B 69 -4.99 14.16 5.88
C VAL B 69 -5.07 14.00 5.81
N LEU B 70 -5.64 14.84 4.93
CA LEU B 70 -5.23 14.81 3.53
C LEU B 70 -3.82 15.37 3.38
N VAL B 71 -3.57 16.52 4.00
CA VAL B 71 -2.25 17.15 3.86
C VAL B 71 -1.18 16.32 4.53
N THR B 72 -1.50 15.76 5.71
CA THR B 72 -0.51 14.92 6.38
C THR B 72 -0.17 13.70 5.55
N GLY B 73 -1.18 13.06 4.95
CA GLY B 73 -0.91 11.91 4.11
C GLY B 73 -0.03 12.24 2.91
N LEU B 74 -0.32 13.36 2.24
CA LEU B 74 0.44 13.69 1.05
C LEU B 74 1.84 14.18 1.39
N CYS B 75 2.01 14.87 2.55
CA CYS B 75 3.37 15.20 2.98
C CYS B 75 4.15 13.95 3.28
N ALA B 76 3.50 12.96 3.90
CA ALA B 76 4.23 11.74 4.29
C ALA B 76 4.67 10.95 3.07
N GLN B 78 5.76 12.38 0.46
N GLN B 78 5.83 12.47 0.53
CA GLN B 78 6.79 13.25 -0.15
CA GLN B 78 6.81 13.38 -0.07
C GLN B 78 6.24 13.96 -1.38
C GLN B 78 6.26 14.04 -1.34
N LEU B 79 4.96 14.29 -1.35
CA LEU B 79 4.25 14.95 -2.44
C LEU B 79 3.90 16.40 -2.13
N LEU B 80 3.68 16.72 -0.86
CA LEU B 80 3.54 18.11 -0.40
C LEU B 80 4.62 18.42 0.60
N THR B 81 4.85 19.70 0.81
CA THR B 81 5.82 20.12 1.79
C THR B 81 5.26 21.31 2.56
N LYS B 82 5.69 21.43 3.81
CA LYS B 82 5.36 22.55 4.68
C LYS B 82 6.61 23.38 4.92
N ARG B 83 6.56 24.68 4.67
CA ARG B 83 7.77 25.51 4.80
C ARG B 83 7.42 26.98 4.79
N ALA B 85 6.23 30.45 5.96
CA ALA B 85 6.74 29.47 6.90
C ALA B 85 5.65 28.45 7.26
N GLY B 86 4.38 28.83 7.07
CA GLY B 86 3.26 27.95 7.31
C GLY B 86 2.51 27.48 6.07
N GLU B 87 3.04 27.72 4.88
CA GLU B 87 2.34 27.39 3.66
C GLU B 87 2.55 25.94 3.25
N ILE B 88 1.64 25.45 2.42
N ILE B 88 1.65 25.45 2.40
CA ILE B 88 1.70 24.12 1.82
CA ILE B 88 1.72 24.11 1.84
C ILE B 88 2.04 24.29 0.35
C ILE B 88 2.01 24.24 0.35
N ASP B 89 3.00 23.50 -0.13
CA ASP B 89 3.40 23.55 -1.54
C ASP B 89 3.63 22.14 -2.07
N LEU B 90 3.67 22.02 -3.40
CA LEU B 90 4.07 20.75 -4.01
C LEU B 90 5.57 20.55 -3.87
N THR B 91 5.98 19.28 -3.78
CA THR B 91 7.36 18.91 -4.03
C THR B 91 7.57 18.76 -5.53
N PRO B 92 8.82 18.78 -5.98
CA PRO B 92 9.09 18.53 -7.42
C PRO B 92 8.52 17.21 -7.90
N LEU B 93 8.57 16.15 -7.08
CA LEU B 93 7.99 14.88 -7.46
C LEU B 93 6.53 15.03 -7.83
N ALA B 94 5.76 15.73 -6.99
CA ALA B 94 4.34 15.95 -7.31
C ALA B 94 4.16 16.89 -8.50
N ARG B 95 4.94 17.97 -8.55
CA ARG B 95 4.79 18.94 -9.64
C ARG B 95 5.04 18.28 -10.98
N ASN B 96 6.02 17.37 -11.02
CA ASN B 96 6.40 16.71 -12.27
C ASN B 96 5.43 15.59 -12.66
N HIS B 97 4.82 14.92 -11.70
CA HIS B 97 4.11 13.70 -12.07
C HIS B 97 2.64 13.70 -11.70
N LEU B 98 2.17 14.65 -10.90
CA LEU B 98 0.77 14.62 -10.50
C LEU B 98 0.01 15.87 -10.93
N VAL B 99 0.67 16.77 -11.62
CA VAL B 99 0.02 17.90 -12.28
C VAL B 99 -0.34 17.48 -13.70
N THR B 100 -1.59 17.73 -14.09
CA THR B 100 -2.15 17.15 -15.31
C THR B 100 -1.42 17.60 -16.59
N THR B 101 -1.00 18.85 -16.66
CA THR B 101 -0.35 19.36 -17.87
C THR B 101 1.16 19.12 -17.90
N SER B 102 1.73 18.49 -16.88
CA SER B 102 3.13 18.12 -16.95
C SER B 102 3.34 17.04 -18.02
N PRO B 103 4.38 17.17 -18.85
CA PRO B 103 4.60 16.11 -19.85
C PRO B 103 4.98 14.77 -19.20
N PHE B 104 5.37 14.77 -17.94
CA PHE B 104 5.66 13.51 -17.22
C PHE B 104 4.58 13.15 -16.22
N SER B 105 3.37 13.69 -16.40
CA SER B 105 2.25 13.33 -15.52
C SER B 105 1.89 11.86 -15.61
N VAL B 106 1.56 11.27 -14.46
CA VAL B 106 0.91 9.97 -14.45
C VAL B 106 -0.45 10.08 -13.77
N GLY B 107 -1.03 11.27 -13.78
CA GLY B 107 -2.36 11.46 -13.18
C GLY B 107 -3.41 10.54 -13.79
N GLY B 108 -3.35 10.30 -15.10
CA GLY B 108 -4.32 9.41 -15.69
C GLY B 108 -4.19 7.97 -15.19
N TYR B 109 -2.96 7.53 -14.94
CA TYR B 109 -2.76 6.19 -14.39
C TYR B 109 -3.32 6.09 -12.97
N ILE B 110 -3.03 7.08 -12.13
CA ILE B 110 -3.61 7.10 -10.78
C ILE B 110 -5.14 7.11 -10.83
N SER B 111 -5.71 7.81 -11.80
CA SER B 111 -7.16 7.92 -11.92
C SER B 111 -7.83 6.61 -12.32
N LEU B 112 -7.07 5.59 -12.72
CA LEU B 112 -7.66 4.29 -12.94
C LEU B 112 -8.33 3.74 -11.69
N ALA B 113 -7.96 4.25 -10.52
CA ALA B 113 -8.60 3.86 -9.28
C ALA B 113 -9.65 4.85 -8.81
N ALA B 114 -10.02 5.84 -9.63
CA ALA B 114 -10.87 6.93 -9.15
C ALA B 114 -12.27 6.47 -8.77
N GLN B 115 -12.75 5.41 -9.39
CA GLN B 115 -14.11 4.94 -9.15
C GLN B 115 -14.15 3.67 -8.31
N SER B 116 -13.03 3.28 -7.70
CA SER B 116 -13.08 2.13 -6.81
C SER B 116 -13.93 2.44 -5.59
N ALA B 117 -14.56 1.41 -5.04
CA ALA B 117 -15.40 1.61 -3.85
C ALA B 117 -14.58 2.26 -2.74
N GLY B 118 -13.33 1.85 -2.60
CA GLY B 118 -12.52 2.42 -1.54
C GLY B 118 -12.22 3.89 -1.74
N THR B 119 -11.86 4.27 -2.98
CA THR B 119 -11.62 5.67 -3.25
C THR B 119 -12.88 6.50 -3.04
N LEU B 120 -13.99 6.03 -3.61
CA LEU B 120 -15.24 6.77 -3.46
C LEU B 120 -15.63 6.92 -1.99
N ALA B 121 -15.43 5.86 -1.19
CA ALA B 121 -15.75 5.96 0.23
C ALA B 121 -14.89 7.03 0.90
N LEU B 122 -13.58 7.05 0.60
CA LEU B 122 -12.73 8.05 1.23
C LEU B 122 -13.12 9.45 0.79
N VAL B 123 -13.45 9.64 -0.50
CA VAL B 123 -13.89 10.95 -0.95
C VAL B 123 -15.14 11.38 -0.21
N GLU B 124 -16.12 10.48 -0.10
CA GLU B 124 -17.34 10.81 0.64
C GLU B 124 -17.02 11.18 2.10
N ARG B 125 -16.12 10.41 2.76
CA ARG B 125 -15.75 10.71 4.14
C ARG B 125 -15.11 12.09 4.25
N LEU B 126 -14.17 12.39 3.35
CA LEU B 126 -13.50 13.69 3.35
C LEU B 126 -14.52 14.82 3.15
N LYS B 127 -15.35 14.69 2.12
CA LYS B 127 -16.25 15.79 1.78
C LYS B 127 -17.40 15.94 2.78
N SER B 128 -17.83 14.85 3.42
CA SER B 128 -18.97 14.95 4.32
C SER B 128 -18.58 15.35 5.72
N ASP B 129 -17.30 15.35 6.04
CA ASP B 129 -16.96 15.64 7.42
C ASP B 129 -17.33 17.06 7.89
N SER B 157 -21.50 -7.49 17.44
CA SER B 157 -20.81 -6.40 16.73
C SER B 157 -19.65 -5.84 17.55
N ALA B 158 -19.97 -5.25 18.71
CA ALA B 158 -18.91 -4.82 19.62
C ALA B 158 -18.05 -6.01 20.03
N ARG B 159 -18.67 -7.17 20.26
CA ARG B 159 -17.92 -8.38 20.58
C ARG B 159 -16.91 -8.70 19.47
N PHE B 160 -17.35 -8.67 18.21
CA PHE B 160 -16.44 -8.92 17.09
C PHE B 160 -15.34 -7.87 17.04
N LEU B 161 -15.71 -6.59 17.17
CA LEU B 161 -14.72 -5.52 17.11
C LEU B 161 -13.74 -5.59 18.29
N THR B 162 -14.27 -5.73 19.50
CA THR B 162 -13.38 -5.85 20.65
C THR B 162 -12.42 -7.02 20.48
N LEU B 163 -12.92 -8.16 20.01
CA LEU B 163 -12.03 -9.31 19.89
C LEU B 163 -11.03 -9.12 18.77
N SER B 164 -11.33 -8.26 17.81
CA SER B 164 -10.36 -7.92 16.76
C SER B 164 -9.23 -7.03 17.29
N LEU B 165 -9.55 -5.96 17.99
CA LEU B 165 -8.49 -5.15 18.57
C LEU B 165 -7.73 -5.87 19.68
N ALA B 166 -8.28 -6.95 20.25
CA ALA B 166 -7.59 -7.62 21.36
C ALA B 166 -6.24 -8.18 20.91
N GLY B 167 -6.13 -8.60 19.65
CA GLY B 167 -4.87 -9.17 19.21
C GLY B 167 -3.75 -8.16 19.25
N ARG B 168 -4.03 -6.91 18.86
CA ARG B 168 -2.99 -5.90 18.99
C ARG B 168 -2.59 -5.74 20.45
N ALA B 169 -3.57 -5.71 21.35
CA ALA B 169 -3.25 -5.55 22.76
C ALA B 169 -2.37 -6.68 23.29
N TRP B 170 -2.65 -7.93 22.90
CA TRP B 170 -1.80 -9.03 23.38
C TRP B 170 -0.35 -8.83 22.94
N ASN B 171 -0.14 -8.22 21.76
CA ASN B 171 1.23 -7.95 21.30
C ASN B 171 1.89 -6.79 22.05
N VAL B 172 1.12 -5.78 22.46
CA VAL B 172 1.71 -4.55 22.97
C VAL B 172 1.71 -4.50 24.50
N ALA B 173 0.71 -5.14 25.11
CA ALA B 173 0.57 -5.06 26.56
C ALA B 173 1.82 -5.52 27.31
N PRO B 174 2.55 -6.55 26.87
CA PRO B 174 3.76 -6.91 27.64
C PRO B 174 4.76 -5.76 27.69
N ARG B 175 4.95 -5.07 26.56
N ARG B 175 4.99 -5.08 26.57
CA ARG B 175 5.86 -3.94 26.53
CA ARG B 175 5.91 -3.95 26.62
C ARG B 175 5.32 -2.77 27.31
C ARG B 175 5.31 -2.79 27.40
N PHE B 176 4.01 -2.52 27.22
CA PHE B 176 3.39 -1.45 27.98
C PHE B 176 3.60 -1.64 29.50
N ALA B 177 3.29 -2.83 29.99
CA ALA B 177 3.52 -3.09 31.41
C ALA B 177 4.99 -2.95 31.77
N ASP B 178 5.88 -3.36 30.85
CA ASP B 178 7.30 -3.32 31.17
C ASP B 178 7.76 -1.88 31.39
N VAL B 179 7.22 -0.93 30.62
CA VAL B 179 7.76 0.43 30.67
C VAL B 179 6.96 1.36 31.55
N LEU B 180 5.83 0.93 32.10
CA LEU B 180 5.10 1.77 33.03
C LEU B 180 5.87 1.85 34.35
N PRO B 181 6.33 3.02 34.79
CA PRO B 181 7.04 3.12 36.07
C PRO B 181 6.09 2.84 37.23
N ALA B 182 6.63 2.33 38.34
CA ALA B 182 5.77 2.01 39.47
C ALA B 182 5.13 3.24 40.11
N GLY B 183 5.76 4.42 39.98
CA GLY B 183 5.13 5.59 40.58
C GLY B 183 5.22 5.53 42.11
N GLN B 184 4.41 6.36 42.74
CA GLN B 184 4.37 6.49 44.19
C GLN B 184 3.39 5.49 44.79
N PRO B 185 3.50 5.21 46.10
CA PRO B 185 2.48 4.38 46.76
C PRO B 185 1.12 5.02 46.56
N GLY B 186 0.09 4.18 46.37
CA GLY B 186 -1.22 4.67 46.01
C GLY B 186 -1.93 5.37 47.16
N LYS B 187 -2.96 6.13 46.80
CA LYS B 187 -3.77 6.89 47.73
C LYS B 187 -5.17 6.35 47.89
N ILE B 188 -5.57 5.39 47.05
CA ILE B 188 -6.95 4.92 47.03
C ILE B 188 -7.14 3.69 47.90
N LEU B 189 -6.23 2.71 47.79
CA LEU B 189 -6.23 1.54 48.66
C LEU B 189 -5.58 1.90 49.99
N LYS B 190 -6.29 1.67 51.08
CA LYS B 190 -5.66 1.96 52.39
C LYS B 190 -5.53 0.72 53.26
N SER B 196 1.22 0.74 49.75
CA SER B 196 -0.04 0.44 49.08
C SER B 196 0.14 0.41 47.59
N GLY B 197 -0.52 -0.55 46.95
CA GLY B 197 -0.57 -0.61 45.51
C GLY B 197 -1.29 0.60 44.96
N ARG B 198 -1.32 0.66 43.63
CA ARG B 198 -2.05 1.70 42.94
C ARG B 198 -3.31 1.10 42.33
N VAL B 199 -4.29 1.95 42.13
CA VAL B 199 -5.50 1.59 41.41
C VAL B 199 -5.42 2.17 40.00
N LEU B 200 -5.48 1.30 39.01
CA LEU B 200 -5.43 1.66 37.60
C LEU B 200 -6.81 1.55 37.01
N LEU B 201 -7.35 2.68 36.53
CA LEU B 201 -8.64 2.77 35.84
C LEU B 201 -8.38 2.87 34.34
N ASP B 202 -8.98 1.98 33.58
CA ASP B 202 -8.79 1.82 32.14
C ASP B 202 -10.10 2.25 31.47
N VAL B 203 -10.10 3.47 30.91
CA VAL B 203 -11.31 4.10 30.39
C VAL B 203 -11.47 3.77 28.92
N ALA B 204 -12.69 3.36 28.57
N ALA B 204 -12.57 3.10 28.58
CA ALA B 204 -12.91 2.61 27.37
CA ALA B 204 -12.86 2.72 27.21
C ALA B 204 -11.85 1.53 27.33
C ALA B 204 -11.68 1.82 26.80
N GLY B 205 -11.74 0.84 28.48
N GLY B 205 -11.13 1.91 25.61
CA GLY B 205 -10.71 -0.17 28.68
CA GLY B 205 -10.00 1.01 25.42
C GLY B 205 -10.73 -1.21 27.59
C GLY B 205 -10.39 -0.39 24.96
N GLY B 206 -11.89 -1.39 26.96
N GLY B 206 -11.30 -1.04 25.69
CA GLY B 206 -11.99 -2.29 25.82
CA GLY B 206 -11.89 -2.30 25.31
C GLY B 206 -11.79 -3.71 26.30
C GLY B 206 -11.63 -3.48 26.25
N SER B 207 -10.86 -4.42 25.71
CA SER B 207 -10.54 -5.70 26.31
C SER B 207 -10.09 -5.60 27.76
N GLY B 208 -9.48 -4.47 28.16
CA GLY B 208 -8.79 -4.41 29.45
C GLY B 208 -7.48 -5.16 29.52
N ILE B 209 -6.95 -5.64 28.39
CA ILE B 209 -5.72 -6.44 28.37
C ILE B 209 -4.53 -5.66 28.92
N TYR B 210 -4.44 -4.36 28.63
CA TYR B 210 -3.31 -3.59 29.16
C TYR B 210 -3.33 -3.58 30.68
N THR B 211 -4.51 -3.44 31.26
CA THR B 211 -4.63 -3.43 32.71
C THR B 211 -4.31 -4.80 33.31
N ALA B 213 -2.20 -6.99 32.13
CA ALA B 213 -0.74 -7.13 32.14
C ALA B 213 -0.14 -6.34 33.29
N VAL B 214 -0.63 -5.10 33.51
CA VAL B 214 -0.09 -4.32 34.63
C VAL B 214 -0.34 -5.04 35.95
N LEU B 215 -1.54 -5.60 36.11
CA LEU B 215 -1.85 -6.32 37.35
C LEU B 215 -1.00 -7.57 37.54
N GLN B 216 -0.61 -8.26 36.46
CA GLN B 216 0.34 -9.36 36.64
C GLN B 216 1.72 -8.84 37.05
N LYS B 217 2.14 -7.68 36.53
CA LYS B 217 3.45 -7.14 36.89
C LYS B 217 3.48 -6.66 38.33
N TYR B 218 2.38 -6.07 38.80
CA TYR B 218 2.28 -5.46 40.12
C TYR B 218 1.20 -6.18 40.91
N PRO B 219 1.56 -7.24 41.66
CA PRO B 219 0.51 -8.04 42.35
C PRO B 219 -0.23 -7.29 43.45
N THR B 220 0.30 -6.18 43.95
CA THR B 220 -0.41 -5.41 44.97
C THR B 220 -1.39 -4.41 44.38
N TRP B 221 -1.40 -4.23 43.05
CA TRP B 221 -2.27 -3.22 42.48
C TRP B 221 -3.68 -3.77 42.26
N ARG B 222 -4.61 -2.87 41.98
CA ARG B 222 -5.97 -3.22 41.57
C ARG B 222 -6.35 -2.47 40.31
N GLY B 223 -7.26 -3.05 39.55
CA GLY B 223 -7.65 -2.47 38.28
C GLY B 223 -9.15 -2.30 38.16
N ILE B 224 -9.55 -1.32 37.36
CA ILE B 224 -10.95 -1.10 37.01
C ILE B 224 -11.04 -0.89 35.52
N ILE B 225 -11.93 -1.64 34.86
CA ILE B 225 -12.22 -1.43 33.45
C ILE B 225 -13.55 -0.68 33.37
N PHE B 226 -13.57 0.47 32.70
CA PHE B 226 -14.77 1.31 32.56
C PHE B 226 -15.11 1.27 31.09
N ASP B 227 -16.25 0.71 30.75
CA ASP B 227 -16.61 0.58 29.35
C ASP B 227 -18.09 0.22 29.28
N ARG B 228 -18.56 -0.03 28.07
CA ARG B 228 -19.94 -0.45 27.88
C ARG B 228 -20.13 -1.91 28.32
N PRO B 229 -21.34 -2.28 28.79
CA PRO B 229 -21.53 -3.64 29.30
C PRO B 229 -21.10 -4.74 28.36
N GLU B 230 -21.35 -4.58 27.06
N GLU B 230 -21.35 -4.59 27.06
CA GLU B 230 -21.02 -5.64 26.11
CA GLU B 230 -21.02 -5.66 26.12
C GLU B 230 -19.53 -5.90 26.06
C GLU B 230 -19.52 -5.90 26.04
N VAL B 231 -18.73 -4.83 26.13
CA VAL B 231 -17.28 -4.99 26.15
C VAL B 231 -16.80 -5.64 27.45
N LEU B 232 -17.43 -5.29 28.57
CA LEU B 232 -17.01 -5.82 29.86
C LEU B 232 -17.15 -7.35 29.91
N LYS B 233 -18.07 -7.92 29.12
CA LYS B 233 -18.19 -9.37 29.06
C LYS B 233 -16.90 -10.01 28.59
N ILE B 234 -16.22 -9.37 27.62
CA ILE B 234 -14.96 -9.91 27.14
C ILE B 234 -13.88 -9.77 28.20
N ALA B 235 -13.81 -8.58 28.83
CA ALA B 235 -12.83 -8.39 29.90
C ALA B 235 -13.00 -9.43 30.99
N ALA B 236 -14.26 -9.77 31.31
CA ALA B 236 -14.52 -10.73 32.38
C ALA B 236 -13.89 -12.08 32.05
N GLU B 237 -14.09 -12.54 30.81
CA GLU B 237 -13.49 -13.80 30.37
C GLU B 237 -11.96 -13.73 30.44
N LEU B 238 -11.39 -12.66 29.88
CA LEU B 238 -9.94 -12.58 29.83
C LEU B 238 -9.35 -12.39 31.21
N ALA B 239 -10.05 -11.72 32.11
CA ALA B 239 -9.58 -11.61 33.49
C ALA B 239 -9.52 -12.97 34.18
N GLU B 240 -10.48 -13.87 33.90
CA GLU B 240 -10.37 -15.20 34.44
C GLU B 240 -9.16 -15.93 33.87
N GLN B 241 -8.95 -15.82 32.57
CA GLN B 241 -7.84 -16.53 31.95
C GLN B 241 -6.50 -16.08 32.51
N THR B 242 -6.35 -14.76 32.75
CA THR B 242 -5.08 -14.21 33.19
C THR B 242 -4.94 -14.25 34.70
N GLY B 243 -5.93 -14.77 35.42
CA GLY B 243 -5.81 -14.95 36.85
C GLY B 243 -5.83 -13.68 37.67
N VAL B 244 -6.40 -12.60 37.13
CA VAL B 244 -6.46 -11.35 37.88
C VAL B 244 -7.88 -10.94 38.19
N ARG B 245 -8.87 -11.81 37.96
CA ARG B 245 -10.26 -11.43 38.15
C ARG B 245 -10.53 -10.88 39.55
N ASP B 246 -9.85 -11.41 40.58
CA ASP B 246 -10.10 -10.98 41.95
C ASP B 246 -9.58 -9.58 42.25
N ARG B 247 -8.74 -9.02 41.39
CA ARG B 247 -8.21 -7.68 41.60
C ARG B 247 -8.68 -6.73 40.52
N LEU B 248 -9.72 -7.13 39.77
CA LEU B 248 -10.18 -6.35 38.64
C LEU B 248 -11.69 -6.16 38.81
N GLU B 249 -12.15 -4.92 38.71
CA GLU B 249 -13.57 -4.64 38.73
C GLU B 249 -14.00 -4.14 37.35
N LEU B 250 -15.24 -4.44 36.98
CA LEU B 250 -15.78 -4.08 35.69
C LEU B 250 -16.93 -3.12 35.92
N HIS B 251 -16.73 -1.86 35.55
CA HIS B 251 -17.70 -0.80 35.79
C HIS B 251 -18.27 -0.37 34.44
N ALA B 252 -19.59 -0.36 34.35
CA ALA B 252 -20.26 0.06 33.14
C ALA B 252 -20.59 1.54 33.24
N GLY B 253 -20.45 2.25 32.12
CA GLY B 253 -20.81 3.65 32.15
C GLY B 253 -20.48 4.36 30.84
N ASP B 254 -20.96 5.59 30.76
CA ASP B 254 -20.72 6.52 29.67
C ASP B 254 -19.64 7.49 30.12
N TRP B 256 -18.41 10.19 29.16
CA TRP B 256 -18.58 11.63 29.08
C TRP B 256 -19.37 12.19 30.24
N VAL B 257 -20.28 11.40 30.82
CA VAL B 257 -21.21 11.96 31.79
C VAL B 257 -21.29 11.18 33.09
N ASP B 258 -20.88 9.90 33.14
CA ASP B 258 -20.96 9.18 34.41
C ASP B 258 -19.66 9.37 35.19
N PRO B 259 -19.75 9.32 36.52
CA PRO B 259 -18.55 9.60 37.34
C PRO B 259 -17.54 8.46 37.21
N PHE B 260 -16.31 8.83 36.95
CA PHE B 260 -15.23 7.85 37.03
C PHE B 260 -15.05 7.41 38.48
N PRO B 261 -14.74 6.14 38.71
CA PRO B 261 -14.38 5.69 40.07
C PRO B 261 -13.03 6.23 40.49
N PRO B 262 -12.78 6.31 41.79
CA PRO B 262 -11.46 6.75 42.27
C PRO B 262 -10.34 5.84 41.77
N ALA B 263 -9.24 6.47 41.35
CA ALA B 263 -8.08 5.76 40.85
C ALA B 263 -6.82 6.59 41.05
N ASP B 264 -5.68 5.90 41.13
CA ASP B 264 -4.40 6.60 41.12
C ASP B 264 -3.94 6.91 39.69
N ASP B 265 -4.10 5.95 38.78
CA ASP B 265 -3.69 6.07 37.38
C ASP B 265 -4.91 5.89 36.50
N ILE B 266 -5.00 6.71 35.47
CA ILE B 266 -6.06 6.59 34.48
C ILE B 266 -5.43 6.40 33.12
N LEU B 267 -5.83 5.33 32.43
CA LEU B 267 -5.30 4.95 31.12
C LEU B 267 -6.31 5.25 30.02
N LEU B 268 -5.86 5.97 29.02
CA LEU B 268 -6.60 6.23 27.77
C LEU B 268 -5.75 5.63 26.66
N SER B 269 -6.02 4.36 26.30
CA SER B 269 -5.23 3.64 25.32
C SER B 269 -6.03 3.53 24.02
N ASN B 270 -5.53 4.16 22.96
CA ASN B 270 -6.20 4.14 21.65
C ASN B 270 -7.63 4.67 21.76
N VAL B 271 -7.82 5.64 22.65
CA VAL B 271 -9.10 6.30 22.83
C VAL B 271 -9.11 7.69 22.21
N LEU B 272 -8.10 8.51 22.54
CA LEU B 272 -8.20 9.92 22.17
C LEU B 272 -8.19 10.07 20.66
N HIS B 273 -7.49 9.19 19.93
CA HIS B 273 -7.45 9.33 18.48
C HIS B 273 -8.81 9.03 17.83
N ASP B 274 -9.80 8.56 18.60
CA ASP B 274 -11.15 8.40 18.05
C ASP B 274 -11.96 9.69 18.02
N TRP B 275 -11.43 10.79 18.57
CA TRP B 275 -12.22 11.97 18.86
C TRP B 275 -11.56 13.21 18.28
N ASP B 276 -12.40 14.19 17.93
CA ASP B 276 -11.93 15.48 17.47
C ASP B 276 -11.34 16.27 18.63
N ARG B 277 -10.60 17.34 18.30
N ARG B 277 -10.64 17.36 18.31
CA ARG B 277 -9.86 18.13 19.29
CA ARG B 277 -9.85 18.06 19.33
C ARG B 277 -10.68 18.54 20.51
C ARG B 277 -10.65 18.61 20.51
N PRO B 278 -11.86 19.17 20.37
CA PRO B 278 -12.58 19.62 21.58
C PRO B 278 -12.96 18.45 22.47
N GLN B 279 -13.27 17.28 21.88
CA GLN B 279 -13.65 16.13 22.68
C GLN B 279 -12.43 15.53 23.37
N CYS B 280 -11.26 15.61 22.72
CA CYS B 280 -10.02 15.20 23.38
C CYS B 280 -9.76 16.06 24.61
N ALA B 281 -9.87 17.37 24.45
CA ALA B 281 -9.61 18.25 25.58
C ALA B 281 -10.58 17.98 26.71
N ARG B 282 -11.85 17.75 26.36
CA ARG B 282 -12.89 17.45 27.36
C ARG B 282 -12.55 16.18 28.12
N LEU B 283 -12.14 15.13 27.39
CA LEU B 283 -11.93 13.85 28.07
C LEU B 283 -10.70 13.90 28.95
N VAL B 284 -9.64 14.56 28.48
CA VAL B 284 -8.45 14.72 29.31
C VAL B 284 -8.78 15.51 30.58
N ALA B 285 -9.59 16.57 30.45
CA ALA B 285 -10.01 17.35 31.62
C ALA B 285 -10.83 16.52 32.59
N LYS B 286 -11.80 15.76 32.08
CA LYS B 286 -12.65 14.99 32.98
C LYS B 286 -11.83 13.94 33.74
N ALA B 287 -10.97 13.21 33.03
CA ALA B 287 -10.11 12.23 33.70
C ALA B 287 -9.24 12.91 34.74
N THR B 288 -8.62 14.04 34.38
CA THR B 288 -7.73 14.73 35.30
C THR B 288 -8.46 15.19 36.56
N SER B 289 -9.74 15.53 36.43
CA SER B 289 -10.44 16.24 37.48
C SER B 289 -10.53 15.41 38.76
N GLY B 290 -10.50 14.08 38.65
CA GLY B 290 -10.60 13.23 39.81
C GLY B 290 -9.30 12.63 40.31
N LEU B 291 -8.16 12.95 39.69
CA LEU B 291 -6.89 12.37 40.13
C LEU B 291 -6.48 12.92 41.49
N PRO B 292 -5.97 12.07 42.37
CA PRO B 292 -5.41 12.52 43.64
C PRO B 292 -3.96 12.97 43.48
N GLU B 293 -3.38 13.48 44.58
CA GLU B 293 -1.94 13.72 44.63
C GLU B 293 -1.20 12.47 44.22
N GLY B 294 -0.13 12.64 43.44
CA GLY B 294 0.60 11.52 42.91
C GLY B 294 -0.11 10.77 41.80
N GLY B 295 -1.32 11.18 41.42
CA GLY B 295 -2.02 10.48 40.36
C GLY B 295 -1.40 10.75 39.01
N ARG B 296 -1.70 9.88 38.05
CA ARG B 296 -1.10 9.98 36.73
C ARG B 296 -2.17 9.80 35.68
N LEU B 297 -2.03 10.53 34.57
CA LEU B 297 -2.79 10.27 33.37
C LEU B 297 -1.86 9.58 32.39
N LEU B 298 -2.25 8.38 31.95
CA LEU B 298 -1.49 7.58 30.99
C LEU B 298 -2.19 7.64 29.65
N ILE B 299 -1.56 8.24 28.65
CA ILE B 299 -2.11 8.24 27.30
C ILE B 299 -1.28 7.30 26.49
N HIS B 300 -1.92 6.30 25.88
CA HIS B 300 -1.21 5.32 25.07
C HIS B 300 -1.77 5.43 23.66
N ASP B 301 -0.95 5.85 22.71
CA ASP B 301 -1.48 6.12 21.39
C ASP B 301 -0.31 6.17 20.41
N VAL B 302 -0.64 6.36 19.12
CA VAL B 302 0.38 6.57 18.10
C VAL B 302 0.69 8.07 18.02
N LEU B 303 1.82 8.40 17.36
CA LEU B 303 2.23 9.80 17.27
C LEU B 303 2.60 10.19 15.84
N LEU B 304 1.95 11.24 15.33
CA LEU B 304 2.50 11.97 14.21
C LEU B 304 3.66 12.84 14.69
N ASN B 305 4.54 13.20 13.75
CA ASN B 305 5.63 14.10 14.11
C ASN B 305 5.07 15.50 14.36
N SER B 306 5.93 16.41 14.85
CA SER B 306 5.41 17.68 15.34
C SER B 306 4.86 18.60 14.25
N ASP B 307 5.28 18.47 12.98
N ASP B 307 5.30 18.39 13.00
CA ASP B 307 4.60 19.33 12.02
CA ASP B 307 4.83 19.17 11.86
C ASP B 307 3.59 18.56 11.19
C ASP B 307 3.61 18.55 11.21
N LEU B 308 3.18 17.38 11.67
CA LEU B 308 2.11 16.60 11.04
C LEU B 308 2.41 16.31 9.57
N THR B 309 3.65 15.88 9.30
CA THR B 309 4.06 15.55 7.95
C THR B 309 4.42 14.09 7.79
N GLY B 310 4.21 13.28 8.82
CA GLY B 310 4.62 11.89 8.81
C GLY B 310 4.68 11.39 10.23
N PRO B 311 5.20 10.17 10.42
CA PRO B 311 5.69 9.28 9.35
C PRO B 311 4.55 8.65 8.56
N LEU B 312 4.93 8.07 7.41
CA LEU B 312 3.94 7.56 6.48
C LEU B 312 3.03 6.53 7.14
N GLU B 313 3.61 5.60 7.91
CA GLU B 313 2.79 4.53 8.51
C GLU B 313 1.69 5.11 9.40
N ILE B 314 2.01 6.17 10.15
CA ILE B 314 1.01 6.78 11.02
C ILE B 314 0.04 7.63 10.20
N ALA B 315 0.54 8.27 9.14
CA ALA B 315 -0.37 9.07 8.33
C ALA B 315 -1.41 8.20 7.65
N LEU B 316 -1.03 6.97 7.27
CA LEU B 316 -2.02 6.10 6.64
C LEU B 316 -2.97 5.54 7.68
N TYR B 317 -2.44 5.18 8.85
CA TYR B 317 -3.33 4.77 9.94
C TYR B 317 -4.31 5.90 10.31
N SER B 318 -3.81 7.14 10.31
CA SER B 318 -4.67 8.29 10.58
C SER B 318 -5.82 8.37 9.60
N LEU B 319 -5.57 8.05 8.31
CA LEU B 319 -6.68 8.02 7.35
C LEU B 319 -7.71 6.95 7.70
N ALA B 320 -7.27 5.79 8.19
CA ALA B 320 -8.20 4.77 8.66
C ALA B 320 -9.02 5.31 9.83
N LEU B 321 -8.36 5.97 10.79
CA LEU B 321 -9.08 6.52 11.94
C LEU B 321 -10.04 7.61 11.50
N PHE B 322 -9.60 8.47 10.58
CA PHE B 322 -10.49 9.50 10.05
C PHE B 322 -11.73 8.87 9.44
N SER B 323 -11.54 7.75 8.72
CA SER B 323 -12.65 7.08 8.03
C SER B 323 -13.63 6.44 8.98
N LEU B 324 -13.18 6.01 10.17
CA LEU B 324 -14.01 5.20 11.05
C LEU B 324 -14.48 5.91 12.30
N THR B 325 -13.86 7.05 12.65
CA THR B 325 -14.12 7.71 13.92
C THR B 325 -14.26 9.22 13.67
N GLU B 326 -14.34 10.00 14.76
CA GLU B 326 -14.41 11.46 14.69
C GLU B 326 -13.04 12.11 14.84
N GLY B 327 -11.98 11.32 14.98
CA GLY B 327 -10.65 11.85 15.22
C GLY B 327 -9.66 11.54 14.11
N ARG B 328 -8.39 11.37 14.50
CA ARG B 328 -7.26 11.17 13.62
C ARG B 328 -6.08 10.90 14.54
N ALA B 329 -4.93 10.53 13.95
CA ALA B 329 -3.74 10.47 14.78
C ALA B 329 -3.32 11.90 15.15
N TYR B 330 -2.74 12.05 16.35
CA TYR B 330 -2.27 13.34 16.83
C TYR B 330 -0.76 13.28 17.12
N SER B 331 -0.15 14.45 17.23
CA SER B 331 1.28 14.55 17.55
C SER B 331 1.48 14.65 19.06
N LEU B 332 2.73 14.44 19.50
CA LEU B 332 3.03 14.63 20.92
C LEU B 332 2.72 16.05 21.35
N GLU B 333 3.02 17.03 20.49
N GLU B 333 3.02 17.03 20.49
CA GLU B 333 2.74 18.42 20.83
CA GLU B 333 2.75 18.43 20.82
C GLU B 333 1.25 18.66 21.06
C GLU B 333 1.25 18.66 21.06
N GLU B 334 0.40 18.00 20.25
CA GLU B 334 -1.04 18.13 20.45
C GLU B 334 -1.47 17.52 21.77
N TYR B 335 -0.98 16.30 22.11
CA TYR B 335 -1.30 15.72 23.41
C TYR B 335 -0.82 16.62 24.54
N ARG B 336 0.39 17.16 24.44
CA ARG B 336 0.91 18.00 25.50
C ARG B 336 0.08 19.26 25.67
N GLY B 337 -0.52 19.76 24.58
CA GLY B 337 -1.44 20.88 24.70
C GLY B 337 -2.63 20.56 25.60
N TRP B 338 -3.21 19.38 25.42
CA TRP B 338 -4.34 19.00 26.24
C TRP B 338 -3.90 18.72 27.67
N ILE B 339 -2.74 18.07 27.84
CA ILE B 339 -2.20 17.82 29.16
C ILE B 339 -1.99 19.12 29.92
N ALA B 340 -1.31 20.08 29.29
CA ALA B 340 -1.07 21.37 29.95
C ALA B 340 -2.37 22.13 30.18
N GLY B 341 -3.34 21.97 29.28
CA GLY B 341 -4.63 22.63 29.47
C GLY B 341 -5.39 22.12 30.68
N ALA B 342 -5.13 20.89 31.10
CA ALA B 342 -5.72 20.30 32.30
C ALA B 342 -4.85 20.50 33.55
N ASP B 343 -3.76 21.25 33.43
CA ASP B 343 -2.86 21.58 34.53
C ASP B 343 -2.11 20.36 35.10
N LEU B 344 -1.96 19.32 34.29
CA LEU B 344 -1.06 18.20 34.55
C LEU B 344 0.36 18.60 34.22
N LYS B 345 1.32 17.85 34.76
CA LYS B 345 2.74 18.01 34.43
C LYS B 345 3.20 16.90 33.49
N TYR B 346 3.58 17.26 32.28
CA TYR B 346 4.13 16.27 31.36
C TYR B 346 5.42 15.72 31.93
N VAL B 347 5.57 14.39 31.88
CA VAL B 347 6.74 13.70 32.42
C VAL B 347 7.61 13.11 31.33
N ASP B 348 7.03 12.24 30.49
CA ASP B 348 7.84 11.41 29.61
C ASP B 348 6.99 10.84 28.49
N CYS B 349 7.67 10.37 27.45
CA CYS B 349 7.04 9.66 26.34
C CYS B 349 7.90 8.44 26.09
N ILE B 350 7.33 7.25 26.22
CA ILE B 350 8.09 6.01 26.12
C ILE B 350 7.50 5.12 25.03
N PRO B 351 8.27 4.69 24.05
CA PRO B 351 7.73 3.78 23.03
C PRO B 351 7.30 2.45 23.63
N THR B 352 6.19 1.92 23.11
CA THR B 352 5.79 0.57 23.45
C THR B 352 6.00 -0.33 22.24
N SER B 353 4.95 -0.72 21.52
CA SER B 353 5.15 -1.46 20.27
C SER B 353 3.96 -1.18 19.38
N ALA B 354 3.99 -1.71 18.13
CA ALA B 354 3.00 -1.40 17.09
C ALA B 354 2.81 0.11 16.97
N HIS B 355 3.93 0.84 17.03
CA HIS B 355 3.98 2.31 16.95
C HIS B 355 3.36 3.00 18.16
N GLY B 356 3.04 2.27 19.22
CA GLY B 356 2.46 2.89 20.40
C GLY B 356 3.50 3.66 21.19
N HIS B 357 3.01 4.67 21.91
CA HIS B 357 3.80 5.45 22.84
C HIS B 357 3.00 5.64 24.11
N LEU B 358 3.67 5.53 25.25
CA LEU B 358 3.05 5.84 26.54
C LEU B 358 3.47 7.26 26.91
N ILE B 359 2.50 8.16 26.95
CA ILE B 359 2.73 9.54 27.33
C ILE B 359 2.31 9.64 28.79
N LEU B 360 3.25 9.96 29.68
N LEU B 360 3.28 9.91 29.67
CA LEU B 360 3.00 9.94 31.11
CA LEU B 360 3.05 9.98 31.10
C LEU B 360 2.99 11.34 31.67
C LEU B 360 2.88 11.44 31.50
N SER B 361 1.91 11.69 32.38
CA SER B 361 1.70 13.02 32.97
C SER B 361 1.27 12.81 34.41
N GLU B 362 1.58 13.80 35.26
CA GLU B 362 1.33 13.72 36.71
C GLU B 362 0.44 14.84 37.20
N LYS B 363 -0.43 14.52 38.15
CA LYS B 363 -1.25 15.51 38.84
C LYS B 363 -0.36 16.24 39.82
N VAL B 364 -0.40 17.57 39.79
CA VAL B 364 0.47 18.39 40.65
C VAL B 364 -0.32 19.27 41.63
#